data_1KPR
#
_entry.id   1KPR
#
_cell.length_a   178.700
_cell.length_b   178.700
_cell.length_c   88.200
_cell.angle_alpha   90.00
_cell.angle_beta   90.00
_cell.angle_gamma   120.00
#
_symmetry.space_group_name_H-M   'P 31 2 1'
#
loop_
_entity.id
_entity.type
_entity.pdbx_description
1 polymer 'HLA CLASS I HISTOCOMPATIBILITY ANTIGEN, ALPHA CHAIN'
2 polymer BETA-2-MICROGLOBULIN
3 polymer 'Peptide VMAPRTVLL'
4 non-polymer 'SULFATE ION'
#
loop_
_entity_poly.entity_id
_entity_poly.type
_entity_poly.pdbx_seq_one_letter_code
_entity_poly.pdbx_strand_id
1 'polypeptide(L)'
;GSHSLKYFHTSVSRPGRGEPRFISVGYVDDTQFVRFDNDAASPRMVPRAPWMEQEGSEYWDRETRSARDTAQIFRVNLRT
LRGYYNQSEAGSHTLQWMHGCELGPDGRFLRGYEQFAYDGKDYLTLNEDLRSWTAVDTAAQISEQKSNDASEAEHQRAYL
EDTCVEWLHKYLEKGKETLLHLEPPKTHVTHHPISDHEATLRCWALGFYPAEITLTWQQDGEGHTQDTELVETRPAGDGT
FQKWAAVVVPSGEEQAYTCHVQHEGLPEPVTLRW
;
A,C
2 'polypeptide(L)'
;MIQRTPKIQVYSRHPAENGKSNFLNCYVSGFHPSDIEVDLLKNGERIEKVEHSDLSFSKDWSFYLLYYTEFTPTEKDEYA
CRVNHVTLSQPKIVKWDRDM
;
B,D
3 'polypeptide(L)' VMAPRTVLL P,Q
#
loop_
_chem_comp.id
_chem_comp.type
_chem_comp.name
_chem_comp.formula
SO4 non-polymer 'SULFATE ION' 'O4 S -2'
#
# COMPACT_ATOMS: atom_id res chain seq x y z
N GLY A 1 24.70 -12.56 26.69
CA GLY A 1 24.92 -13.26 25.40
C GLY A 1 24.99 -12.31 24.20
N SER A 2 23.87 -12.29 23.45
CA SER A 2 23.63 -11.44 22.24
C SER A 2 22.28 -11.88 21.62
N HIS A 3 21.40 -10.93 21.38
CA HIS A 3 20.07 -11.27 20.86
C HIS A 3 19.54 -10.45 19.70
N SER A 4 18.60 -11.08 19.01
CA SER A 4 17.91 -10.58 17.84
C SER A 4 16.41 -10.88 17.88
N LEU A 5 15.64 -9.90 17.37
CA LEU A 5 14.17 -10.04 17.18
C LEU A 5 14.01 -10.01 15.66
N LYS A 6 13.54 -11.09 15.05
CA LYS A 6 13.39 -11.04 13.60
C LYS A 6 12.19 -11.69 12.92
N TYR A 7 11.70 -11.01 11.92
CA TYR A 7 10.57 -11.52 11.21
C TYR A 7 10.88 -11.90 9.77
N PHE A 8 10.20 -12.91 9.27
CA PHE A 8 10.31 -13.39 7.92
C PHE A 8 8.90 -13.35 7.23
N HIS A 9 8.74 -12.67 6.10
CA HIS A 9 7.41 -12.60 5.52
C HIS A 9 7.46 -13.21 4.13
N THR A 10 6.44 -13.91 3.70
CA THR A 10 6.45 -14.53 2.38
C THR A 10 5.07 -14.36 1.83
N SER A 11 4.99 -14.01 0.55
CA SER A 11 3.70 -13.80 -0.05
C SER A 11 3.82 -14.61 -1.29
N VAL A 12 2.84 -15.46 -1.57
CA VAL A 12 2.97 -16.19 -2.79
C VAL A 12 1.77 -16.00 -3.65
N SER A 13 1.92 -15.64 -4.90
CA SER A 13 0.71 -15.42 -5.71
C SER A 13 0.01 -16.74 -6.18
N ARG A 14 -1.30 -16.74 -6.15
CA ARG A 14 -2.00 -17.93 -6.55
C ARG A 14 -2.88 -17.65 -7.74
N PRO A 15 -2.37 -17.65 -8.98
CA PRO A 15 -3.16 -17.40 -10.21
C PRO A 15 -4.62 -17.87 -10.15
N GLY A 16 -4.86 -19.15 -10.45
CA GLY A 16 -6.21 -19.69 -10.42
C GLY A 16 -7.07 -19.34 -9.18
N ARG A 17 -6.58 -19.72 -7.99
CA ARG A 17 -7.30 -19.49 -6.72
C ARG A 17 -7.17 -18.15 -6.03
N GLY A 18 -7.38 -17.07 -6.77
CA GLY A 18 -7.33 -15.72 -6.20
C GLY A 18 -6.25 -15.26 -5.23
N GLU A 19 -6.65 -14.40 -4.28
CA GLU A 19 -5.77 -13.81 -3.27
C GLU A 19 -4.52 -14.58 -2.79
N PRO A 20 -3.30 -14.01 -3.00
CA PRO A 20 -2.05 -14.67 -2.58
C PRO A 20 -1.95 -15.03 -1.10
N ARG A 21 -1.18 -16.07 -0.91
CA ARG A 21 -0.90 -16.65 0.34
C ARG A 21 0.04 -15.74 1.05
N PHE A 22 -0.21 -15.36 2.27
CA PHE A 22 0.75 -14.60 2.92
C PHE A 22 1.13 -15.21 4.26
N ILE A 23 2.42 -15.46 4.53
CA ILE A 23 2.83 -16.03 5.80
C ILE A 23 3.81 -15.15 6.46
N SER A 24 3.80 -15.18 7.77
CA SER A 24 4.61 -14.27 8.48
C SER A 24 5.00 -14.99 9.77
N VAL A 25 6.30 -15.23 10.05
CA VAL A 25 6.79 -15.94 11.30
C VAL A 25 7.85 -15.07 11.97
N GLY A 26 7.69 -14.84 13.26
CA GLY A 26 8.61 -14.03 14.04
C GLY A 26 9.49 -14.88 14.95
N TYR A 27 10.66 -14.36 15.27
CA TYR A 27 11.64 -15.05 16.06
C TYR A 27 12.39 -14.18 17.05
N VAL A 28 12.68 -14.78 18.22
CA VAL A 28 13.57 -14.16 19.24
C VAL A 28 14.53 -15.31 19.06
N ASP A 29 15.73 -14.92 18.59
CA ASP A 29 16.80 -15.80 18.03
C ASP A 29 16.46 -17.21 17.97
N ASP A 30 16.49 -17.91 16.86
CA ASP A 30 16.22 -19.37 16.96
C ASP A 30 14.93 -19.92 17.53
N THR A 31 14.10 -19.07 18.14
CA THR A 31 12.81 -19.50 18.71
C THR A 31 11.71 -18.70 18.08
N GLN A 32 10.79 -19.43 17.49
CA GLN A 32 9.64 -18.84 16.85
C GLN A 32 8.67 -18.55 17.95
N PHE A 33 8.06 -17.38 17.95
CA PHE A 33 7.17 -17.16 19.02
C PHE A 33 5.80 -16.68 18.56
N VAL A 34 5.68 -16.30 17.28
CA VAL A 34 4.37 -15.86 16.71
C VAL A 34 4.36 -16.27 15.27
N ARG A 35 3.21 -16.25 14.65
CA ARG A 35 3.18 -16.49 13.22
C ARG A 35 1.81 -16.01 12.71
N PHE A 36 1.71 -15.55 11.47
CA PHE A 36 0.47 -15.15 10.90
C PHE A 36 0.34 -15.96 9.60
N ASP A 37 -0.82 -16.53 9.36
CA ASP A 37 -0.93 -17.25 8.15
C ASP A 37 -2.29 -16.93 7.57
N ASN A 38 -2.34 -16.10 6.55
CA ASN A 38 -3.62 -15.71 6.02
C ASN A 38 -4.36 -16.96 5.49
N ASP A 39 -3.71 -18.10 5.59
CA ASP A 39 -4.35 -19.28 5.07
C ASP A 39 -4.92 -20.06 6.19
N ALA A 40 -4.19 -20.13 7.27
CA ALA A 40 -4.63 -20.79 8.46
C ALA A 40 -6.15 -20.69 8.71
N ALA A 41 -6.63 -21.62 9.52
CA ALA A 41 -8.04 -21.67 9.82
C ALA A 41 -8.38 -20.41 10.64
N SER A 42 -7.33 -19.71 11.10
CA SER A 42 -7.48 -18.46 11.86
C SER A 42 -6.52 -17.41 11.22
N PRO A 43 -7.05 -16.53 10.34
CA PRO A 43 -6.20 -15.51 9.72
C PRO A 43 -5.98 -14.47 10.76
N ARG A 44 -5.24 -14.84 11.81
CA ARG A 44 -4.92 -13.95 12.93
C ARG A 44 -3.49 -14.23 13.35
N MET A 45 -2.88 -13.30 14.09
CA MET A 45 -1.52 -13.48 14.55
C MET A 45 -1.68 -14.31 15.81
N VAL A 46 -1.00 -15.44 15.87
CA VAL A 46 -1.11 -16.35 16.98
C VAL A 46 0.19 -16.59 17.67
N PRO A 47 0.15 -16.92 18.96
CA PRO A 47 1.44 -17.17 19.63
C PRO A 47 1.97 -18.59 19.31
N ARG A 48 3.27 -18.71 19.20
CA ARG A 48 3.83 -20.01 18.79
C ARG A 48 4.62 -20.52 19.90
N ALA A 49 4.88 -19.67 20.86
CA ALA A 49 5.58 -20.15 22.00
C ALA A 49 4.57 -20.18 23.21
N PRO A 50 4.95 -20.76 24.35
CA PRO A 50 3.89 -20.68 25.35
C PRO A 50 4.10 -19.47 26.22
N TRP A 51 5.29 -18.97 26.31
CA TRP A 51 5.50 -17.82 27.13
C TRP A 51 4.76 -16.66 26.49
N MET A 52 4.32 -16.84 25.25
CA MET A 52 3.61 -15.75 24.58
C MET A 52 2.11 -15.72 24.90
N GLU A 53 1.61 -16.80 25.50
CA GLU A 53 0.20 -16.99 25.86
C GLU A 53 -0.27 -15.95 26.85
N GLN A 54 0.69 -15.38 27.58
CA GLN A 54 0.38 -14.41 28.60
C GLN A 54 0.31 -13.03 28.03
N GLU A 55 -0.22 -12.94 26.82
CA GLU A 55 -0.36 -11.67 26.14
C GLU A 55 -1.82 -11.32 25.90
N GLY A 56 -2.16 -10.06 26.18
CA GLY A 56 -3.54 -9.59 26.04
C GLY A 56 -4.04 -9.19 24.68
N SER A 57 -5.34 -9.41 24.43
CA SER A 57 -6.05 -9.04 23.18
C SER A 57 -5.50 -7.88 22.39
N GLU A 58 -5.28 -6.75 23.11
CA GLU A 58 -4.73 -5.54 22.51
C GLU A 58 -3.63 -6.01 21.54
N TYR A 59 -2.59 -6.62 22.09
CA TYR A 59 -1.49 -7.13 21.27
C TYR A 59 -1.88 -8.00 20.03
N TRP A 60 -2.57 -9.08 20.25
CA TRP A 60 -2.94 -9.94 19.19
C TRP A 60 -3.78 -9.22 18.11
N ASP A 61 -4.67 -8.32 18.56
CA ASP A 61 -5.50 -7.58 17.61
C ASP A 61 -4.66 -6.72 16.72
N ARG A 62 -3.82 -5.91 17.38
CA ARG A 62 -2.90 -4.98 16.76
C ARG A 62 -1.96 -5.71 15.80
N GLU A 63 -1.31 -6.78 16.27
CA GLU A 63 -0.44 -7.52 15.40
C GLU A 63 -1.21 -8.17 14.27
N THR A 64 -2.45 -8.51 14.50
CA THR A 64 -3.20 -9.11 13.45
C THR A 64 -3.43 -8.05 12.39
N ARG A 65 -3.86 -6.84 12.76
CA ARG A 65 -3.99 -5.81 11.72
C ARG A 65 -2.59 -5.65 10.96
N SER A 66 -1.50 -5.45 11.70
CA SER A 66 -0.23 -5.35 11.08
C SER A 66 -0.02 -6.38 10.04
N ALA A 67 -0.28 -7.64 10.37
CA ALA A 67 -0.02 -8.64 9.36
C ALA A 67 -0.96 -8.52 8.16
N ARG A 68 -2.21 -8.26 8.47
CA ARG A 68 -3.22 -8.09 7.43
C ARG A 68 -2.86 -6.98 6.43
N ASP A 69 -2.41 -5.86 6.99
CA ASP A 69 -2.03 -4.68 6.23
C ASP A 69 -0.88 -5.00 5.32
N THR A 70 0.15 -5.67 5.84
CA THR A 70 1.30 -6.06 5.05
C THR A 70 0.79 -7.03 4.02
N ALA A 71 0.02 -8.01 4.38
CA ALA A 71 -0.41 -8.84 3.33
C ALA A 71 -1.06 -8.04 2.22
N GLN A 72 -1.81 -6.98 2.57
CA GLN A 72 -2.45 -6.16 1.56
C GLN A 72 -1.43 -5.37 0.71
N ILE A 73 -0.52 -4.63 1.35
CA ILE A 73 0.54 -3.95 0.60
C ILE A 73 1.32 -5.04 -0.24
N PHE A 74 1.76 -6.13 0.38
CA PHE A 74 2.39 -7.19 -0.41
C PHE A 74 1.60 -7.67 -1.63
N ARG A 75 0.29 -7.59 -1.59
CA ARG A 75 -0.49 -8.00 -2.76
C ARG A 75 -0.47 -6.86 -3.89
N VAL A 76 -0.42 -5.65 -3.44
CA VAL A 76 -0.29 -4.56 -4.32
C VAL A 76 1.18 -4.78 -4.83
N ASN A 77 2.16 -4.90 -3.92
CA ASN A 77 3.51 -5.06 -4.38
C ASN A 77 3.65 -6.13 -5.47
N LEU A 78 3.02 -7.30 -5.24
CA LEU A 78 3.16 -8.36 -6.18
C LEU A 78 2.70 -8.03 -7.56
N ARG A 79 1.70 -7.16 -7.67
CA ARG A 79 1.09 -6.70 -8.91
C ARG A 79 2.13 -5.72 -9.54
N THR A 80 2.55 -4.72 -8.78
CA THR A 80 3.51 -3.82 -9.33
C THR A 80 4.65 -4.63 -9.94
N LEU A 81 5.25 -5.56 -9.18
CA LEU A 81 6.37 -6.28 -9.78
C LEU A 81 5.95 -7.11 -10.97
N ARG A 82 4.75 -7.57 -11.02
CA ARG A 82 4.43 -8.36 -12.16
C ARG A 82 4.53 -7.42 -13.38
N GLY A 83 4.32 -6.12 -13.08
CA GLY A 83 4.35 -5.10 -14.08
C GLY A 83 5.78 -4.81 -14.47
N TYR A 84 6.62 -4.41 -13.52
CA TYR A 84 7.99 -4.11 -13.87
C TYR A 84 8.60 -5.20 -14.70
N TYR A 85 8.31 -6.45 -14.44
CA TYR A 85 8.85 -7.51 -15.26
C TYR A 85 7.93 -7.94 -16.41
N ASN A 86 6.89 -7.15 -16.69
CA ASN A 86 6.05 -7.47 -17.81
C ASN A 86 5.72 -8.93 -17.70
N GLN A 87 5.07 -9.28 -16.61
CA GLN A 87 4.74 -10.69 -16.41
C GLN A 87 3.30 -11.11 -16.46
N SER A 88 3.07 -12.28 -17.07
CA SER A 88 1.76 -12.86 -17.12
C SER A 88 1.21 -13.07 -15.68
N GLU A 89 -0.08 -12.78 -15.52
CA GLU A 89 -0.78 -12.91 -14.28
C GLU A 89 -1.14 -14.37 -14.07
N ALA A 90 -0.75 -15.23 -14.98
CA ALA A 90 -1.12 -16.59 -14.79
C ALA A 90 -0.04 -17.44 -14.11
N GLY A 91 1.05 -16.81 -13.75
CA GLY A 91 2.15 -17.55 -13.14
C GLY A 91 2.24 -17.11 -11.71
N SER A 92 2.81 -17.95 -10.86
CA SER A 92 3.00 -17.66 -9.46
C SER A 92 4.36 -16.94 -9.19
N HIS A 93 4.34 -16.05 -8.18
CA HIS A 93 5.52 -15.29 -7.77
C HIS A 93 5.54 -15.08 -6.28
N THR A 94 6.76 -14.88 -5.78
CA THR A 94 7.01 -14.82 -4.37
C THR A 94 7.67 -13.56 -3.96
N LEU A 95 7.09 -12.89 -3.01
CA LEU A 95 7.72 -11.73 -2.55
C LEU A 95 8.14 -12.07 -1.12
N GLN A 96 9.40 -11.94 -0.79
CA GLN A 96 9.78 -12.23 0.61
C GLN A 96 10.38 -10.99 1.23
N TRP A 97 10.25 -10.87 2.55
CA TRP A 97 10.79 -9.77 3.24
C TRP A 97 11.38 -10.16 4.60
N MET A 98 12.64 -9.87 4.89
CA MET A 98 13.11 -10.25 6.19
C MET A 98 13.64 -9.05 6.86
N HIS A 99 13.41 -8.90 8.15
CA HIS A 99 13.89 -7.73 8.86
C HIS A 99 14.18 -8.13 10.30
N GLY A 100 15.17 -7.52 10.90
CA GLY A 100 15.48 -7.87 12.26
C GLY A 100 16.39 -6.82 12.87
N CYS A 101 16.49 -6.82 14.19
CA CYS A 101 17.35 -5.92 14.95
C CYS A 101 18.13 -6.80 15.94
N GLU A 102 19.33 -6.32 16.26
CA GLU A 102 20.20 -7.05 17.16
C GLU A 102 20.71 -6.18 18.28
N LEU A 103 20.99 -6.84 19.41
CA LEU A 103 21.49 -6.19 20.61
C LEU A 103 22.98 -6.56 20.79
N GLY A 104 23.71 -5.65 21.41
CA GLY A 104 25.12 -5.91 21.68
C GLY A 104 25.24 -6.86 22.87
N PRO A 105 26.39 -7.56 23.07
CA PRO A 105 26.45 -8.47 24.24
C PRO A 105 26.17 -7.62 25.48
N ASP A 106 26.32 -6.31 25.26
CA ASP A 106 26.13 -5.24 26.23
C ASP A 106 24.65 -4.76 26.34
N GLY A 107 23.70 -5.50 25.76
CA GLY A 107 22.29 -5.14 25.87
C GLY A 107 21.56 -4.08 25.04
N ARG A 108 22.24 -3.24 24.26
CA ARG A 108 21.51 -2.24 23.47
C ARG A 108 21.58 -2.51 21.96
N PHE A 109 21.05 -1.57 21.18
CA PHE A 109 21.04 -1.68 19.74
C PHE A 109 22.43 -2.07 19.31
N LEU A 110 22.55 -2.73 18.16
CA LEU A 110 23.83 -3.17 17.65
C LEU A 110 23.80 -2.91 16.16
N ARG A 111 23.01 -3.72 15.43
CA ARG A 111 22.83 -3.57 13.99
C ARG A 111 21.37 -3.92 13.70
N GLY A 112 20.81 -3.40 12.60
CA GLY A 112 19.46 -3.73 12.23
C GLY A 112 19.49 -3.91 10.75
N TYR A 113 18.63 -4.75 10.15
CA TYR A 113 18.63 -4.94 8.70
C TYR A 113 17.29 -5.20 8.06
N GLU A 114 17.27 -5.07 6.77
CA GLU A 114 16.02 -5.26 6.08
C GLU A 114 16.22 -5.61 4.58
N GLN A 115 15.45 -6.56 4.07
CA GLN A 115 15.61 -6.91 2.68
C GLN A 115 14.45 -7.46 2.01
N PHE A 116 14.38 -7.29 0.72
CA PHE A 116 13.27 -7.84 -0.02
C PHE A 116 13.84 -8.72 -1.06
N ALA A 117 13.08 -9.73 -1.45
CA ALA A 117 13.53 -10.59 -2.53
C ALA A 117 12.31 -10.90 -3.24
N TYR A 118 12.43 -11.15 -4.54
CA TYR A 118 11.34 -11.47 -5.44
C TYR A 118 11.76 -12.67 -6.30
N ASP A 119 10.87 -13.64 -6.56
CA ASP A 119 11.18 -14.90 -7.29
C ASP A 119 12.57 -15.45 -6.90
N GLY A 120 12.79 -15.45 -5.61
CA GLY A 120 13.99 -16.04 -5.18
C GLY A 120 15.22 -15.25 -5.17
N LYS A 121 15.17 -14.01 -5.63
CA LYS A 121 16.40 -13.25 -5.66
C LYS A 121 16.38 -11.95 -4.96
N ASP A 122 17.55 -11.49 -4.58
CA ASP A 122 17.64 -10.17 -3.95
C ASP A 122 17.07 -9.08 -4.83
N TYR A 123 16.24 -8.21 -4.25
CA TYR A 123 15.62 -7.12 -4.98
C TYR A 123 15.93 -5.74 -4.40
N LEU A 124 15.70 -5.53 -3.13
CA LEU A 124 16.00 -4.26 -2.60
C LEU A 124 16.57 -4.32 -1.25
N THR A 125 17.72 -3.74 -0.98
CA THR A 125 18.17 -3.86 0.39
C THR A 125 18.40 -2.57 1.08
N LEU A 126 17.90 -2.44 2.29
CA LEU A 126 18.09 -1.28 3.12
C LEU A 126 19.57 -1.34 3.47
N ASN A 127 20.28 -0.24 3.25
CA ASN A 127 21.73 -0.19 3.51
C ASN A 127 22.10 -0.15 4.95
N GLU A 128 23.38 -0.38 5.22
CA GLU A 128 23.92 -0.38 6.58
C GLU A 128 23.58 0.84 7.40
N ASP A 129 23.80 2.03 6.85
CA ASP A 129 23.51 3.28 7.57
C ASP A 129 22.05 3.34 7.93
N LEU A 130 21.25 2.55 7.22
CA LEU A 130 19.82 2.46 7.45
C LEU A 130 19.14 3.74 7.02
N ARG A 131 19.70 4.38 6.00
CA ARG A 131 19.14 5.64 5.50
C ARG A 131 19.00 5.54 3.98
N SER A 132 19.44 4.44 3.42
CA SER A 132 19.36 4.29 1.99
C SER A 132 19.10 2.85 1.53
N TRP A 133 18.75 2.75 0.25
CA TRP A 133 18.51 1.48 -0.41
C TRP A 133 19.33 1.21 -1.63
N THR A 134 19.61 -0.05 -1.83
CA THR A 134 20.39 -0.55 -2.92
C THR A 134 19.44 -1.44 -3.74
N ALA A 135 19.16 -1.02 -4.96
CA ALA A 135 18.36 -1.83 -5.85
C ALA A 135 19.31 -2.85 -6.41
N VAL A 136 18.76 -3.85 -7.06
CA VAL A 136 19.48 -4.95 -7.68
C VAL A 136 19.03 -5.12 -9.17
N ASP A 137 17.93 -4.54 -9.54
CA ASP A 137 17.53 -4.65 -10.90
C ASP A 137 17.33 -3.29 -11.41
N THR A 138 16.67 -3.11 -12.53
CA THR A 138 16.51 -1.71 -12.87
C THR A 138 15.10 -1.43 -12.35
N ALA A 139 14.34 -2.55 -12.25
CA ALA A 139 12.96 -2.53 -11.77
C ALA A 139 13.11 -2.10 -10.37
N ALA A 140 14.13 -2.71 -9.79
CA ALA A 140 14.42 -2.34 -8.44
C ALA A 140 14.80 -0.88 -8.26
N GLN A 141 15.34 -0.28 -9.31
CA GLN A 141 15.70 1.13 -9.21
C GLN A 141 14.41 1.95 -9.05
N ILE A 142 13.38 1.60 -9.84
CA ILE A 142 12.15 2.31 -9.69
C ILE A 142 11.64 2.21 -8.29
N SER A 143 11.75 1.00 -7.72
CA SER A 143 11.32 0.71 -6.36
C SER A 143 12.27 1.52 -5.48
N GLU A 144 13.52 1.61 -5.88
CA GLU A 144 14.43 2.42 -5.09
C GLU A 144 14.08 3.91 -5.03
N GLN A 145 13.79 4.54 -6.16
CA GLN A 145 13.50 5.98 -6.04
C GLN A 145 12.22 6.25 -5.33
N LYS A 146 11.23 5.45 -5.68
CA LYS A 146 9.92 5.49 -5.11
C LYS A 146 10.14 5.49 -3.64
N SER A 147 11.00 4.57 -3.25
CA SER A 147 11.28 4.43 -1.88
C SER A 147 11.84 5.62 -1.27
N ASN A 148 12.94 6.14 -1.77
CA ASN A 148 13.52 7.31 -1.14
C ASN A 148 12.64 8.56 -1.11
N ASP A 149 12.00 8.83 -2.24
CA ASP A 149 11.12 9.99 -2.33
C ASP A 149 10.04 9.85 -1.23
N ALA A 150 9.67 8.62 -0.90
CA ALA A 150 8.65 8.39 0.14
C ALA A 150 9.23 8.53 1.52
N SER A 151 10.53 8.32 1.62
CA SER A 151 11.14 8.35 2.91
C SER A 151 10.89 7.03 3.75
N GLU A 152 10.91 5.87 3.11
CA GLU A 152 10.66 4.64 3.85
C GLU A 152 11.80 4.36 4.80
N ALA A 153 13.05 4.46 4.37
CA ALA A 153 14.15 4.19 5.32
C ALA A 153 14.03 4.90 6.73
N GLU A 154 13.46 6.10 6.72
CA GLU A 154 13.31 6.86 7.95
C GLU A 154 12.47 6.12 8.98
N HIS A 155 11.31 5.59 8.51
CA HIS A 155 10.32 4.81 9.28
C HIS A 155 11.01 3.57 9.74
N GLN A 156 11.53 2.85 8.74
CA GLN A 156 12.22 1.62 8.97
C GLN A 156 13.32 1.80 9.96
N ARG A 157 13.95 2.96 9.99
CA ARG A 157 15.04 3.06 10.92
C ARG A 157 14.57 3.20 12.32
N ALA A 158 13.46 3.91 12.47
CA ALA A 158 12.92 4.09 13.80
C ALA A 158 12.55 2.73 14.37
N TYR A 159 11.68 2.03 13.65
CA TYR A 159 11.26 0.72 14.09
C TYR A 159 12.47 -0.07 14.47
N LEU A 160 13.36 -0.18 13.51
CA LEU A 160 14.51 -0.99 13.69
C LEU A 160 15.35 -0.62 14.87
N GLU A 161 15.43 0.69 15.13
CA GLU A 161 16.28 1.18 16.23
C GLU A 161 15.69 1.24 17.60
N ASP A 162 14.37 1.41 17.71
CA ASP A 162 13.74 1.45 19.05
C ASP A 162 12.89 0.25 19.23
N THR A 163 11.69 0.48 18.73
CA THR A 163 10.58 -0.44 18.72
C THR A 163 11.05 -1.85 18.71
N CYS A 164 11.85 -2.18 17.72
CA CYS A 164 12.32 -3.53 17.64
C CYS A 164 13.16 -3.87 18.90
N VAL A 165 14.18 -3.10 19.21
CA VAL A 165 14.95 -3.45 20.39
C VAL A 165 14.09 -3.39 21.69
N GLU A 166 13.26 -2.36 21.81
CA GLU A 166 12.45 -2.27 23.01
C GLU A 166 11.63 -3.53 23.32
N TRP A 167 11.04 -4.12 22.29
CA TRP A 167 10.22 -5.28 22.46
C TRP A 167 11.06 -6.50 22.59
N LEU A 168 12.22 -6.51 21.94
CA LEU A 168 13.05 -7.70 22.06
C LEU A 168 13.23 -7.82 23.57
N HIS A 169 13.49 -6.69 24.20
CA HIS A 169 13.67 -6.68 25.63
C HIS A 169 12.51 -7.38 26.29
N LYS A 170 11.33 -6.81 26.12
CA LYS A 170 10.15 -7.39 26.71
C LYS A 170 9.97 -8.87 26.42
N TYR A 171 10.39 -9.38 25.25
CA TYR A 171 10.19 -10.83 24.94
C TYR A 171 11.21 -11.66 25.69
N LEU A 172 12.42 -11.13 25.83
CA LEU A 172 13.45 -11.82 26.57
C LEU A 172 12.92 -12.00 28.01
N GLU A 173 12.35 -10.94 28.57
CA GLU A 173 11.81 -11.02 29.91
C GLU A 173 10.79 -12.14 29.94
N LYS A 174 9.70 -12.00 29.20
CA LYS A 174 8.65 -13.00 29.17
C LYS A 174 9.11 -14.39 28.75
N GLY A 175 10.36 -14.55 28.32
CA GLY A 175 10.84 -15.85 27.87
C GLY A 175 12.05 -16.30 28.62
N LYS A 176 12.26 -15.59 29.75
CA LYS A 176 13.35 -15.77 30.72
C LYS A 176 13.84 -17.20 30.77
N GLU A 177 12.94 -18.09 31.19
CA GLU A 177 13.18 -19.53 31.31
C GLU A 177 13.80 -19.98 30.02
N THR A 178 12.91 -20.53 29.19
CA THR A 178 13.14 -21.01 27.83
C THR A 178 14.32 -20.36 27.10
N LEU A 179 14.23 -19.04 26.92
CA LEU A 179 15.25 -18.36 26.15
C LEU A 179 16.60 -18.27 26.67
N LEU A 180 16.73 -18.16 27.97
CA LEU A 180 18.08 -18.02 28.46
C LEU A 180 18.64 -19.33 28.85
N HIS A 181 17.88 -20.39 28.63
CA HIS A 181 18.35 -21.68 29.02
C HIS A 181 18.99 -22.46 27.93
N LEU A 182 20.25 -22.81 28.11
CA LEU A 182 20.99 -23.61 27.15
C LEU A 182 20.86 -25.11 27.46
N GLU A 183 20.90 -25.95 26.41
CA GLU A 183 20.80 -27.40 26.53
C GLU A 183 22.01 -28.02 25.84
N PRO A 184 22.97 -28.59 26.60
CA PRO A 184 24.10 -29.15 25.84
C PRO A 184 23.76 -30.44 25.16
N PRO A 185 24.63 -30.82 24.27
CA PRO A 185 24.57 -32.02 23.43
C PRO A 185 24.84 -33.32 24.06
N LYS A 186 23.93 -34.30 24.02
CA LYS A 186 24.28 -35.67 24.47
C LYS A 186 25.26 -36.04 23.32
N THR A 187 26.37 -36.71 23.57
CA THR A 187 27.27 -37.00 22.45
C THR A 187 27.73 -38.47 22.25
N HIS A 188 28.13 -38.90 21.08
CA HIS A 188 28.66 -40.24 21.00
C HIS A 188 29.22 -40.63 19.68
N VAL A 189 30.24 -41.49 19.71
CA VAL A 189 30.77 -41.98 18.47
C VAL A 189 30.16 -43.28 18.00
N THR A 190 30.21 -43.58 16.70
CA THR A 190 29.69 -44.82 16.17
C THR A 190 30.62 -45.22 15.02
N HIS A 191 30.69 -46.55 14.92
CA HIS A 191 31.54 -47.27 14.03
C HIS A 191 30.67 -47.99 13.05
N HIS A 192 30.99 -47.84 11.77
CA HIS A 192 30.26 -48.45 10.67
C HIS A 192 31.37 -48.69 9.67
N PRO A 193 31.88 -49.93 9.61
CA PRO A 193 32.95 -50.26 8.67
C PRO A 193 32.52 -50.44 7.26
N ILE A 194 33.37 -49.98 6.36
CA ILE A 194 33.11 -50.05 4.92
C ILE A 194 33.69 -51.26 4.25
N SER A 195 35.02 -51.26 4.14
CA SER A 195 35.77 -52.34 3.53
C SER A 195 36.43 -53.25 4.56
N ASP A 196 37.25 -54.21 4.10
CA ASP A 196 37.93 -55.11 4.99
C ASP A 196 38.94 -54.32 5.79
N HIS A 197 39.43 -53.22 5.23
CA HIS A 197 40.44 -52.41 5.91
C HIS A 197 40.12 -50.96 6.39
N GLU A 198 38.83 -50.60 6.40
CA GLU A 198 38.38 -49.27 6.87
C GLU A 198 36.89 -49.03 7.12
N ALA A 199 36.65 -48.15 8.07
CA ALA A 199 35.31 -47.88 8.52
C ALA A 199 34.99 -46.38 8.66
N THR A 200 33.72 -46.09 8.90
CA THR A 200 33.33 -44.71 9.11
C THR A 200 33.18 -44.43 10.60
N LEU A 201 33.66 -43.32 11.07
CA LEU A 201 33.40 -43.06 12.48
C LEU A 201 32.37 -41.87 12.41
N ARG A 202 31.28 -41.93 13.15
CA ARG A 202 30.34 -40.81 13.10
C ARG A 202 30.23 -40.15 14.48
N CYS A 203 30.65 -38.90 14.62
CA CYS A 203 30.50 -38.25 15.90
C CYS A 203 29.02 -37.68 15.95
N TRP A 204 28.27 -37.92 17.03
CA TRP A 204 26.89 -37.45 17.12
C TRP A 204 26.59 -36.48 18.20
N ALA A 205 25.92 -35.37 17.90
CA ALA A 205 25.49 -34.39 18.91
C ALA A 205 23.97 -34.37 18.85
N LEU A 206 23.30 -34.72 19.94
CA LEU A 206 21.84 -34.80 19.92
C LEU A 206 21.20 -34.03 21.05
N GLY A 207 19.99 -33.52 20.80
CA GLY A 207 19.28 -32.73 21.80
C GLY A 207 19.86 -31.39 22.23
N PHE A 208 20.74 -30.74 21.49
CA PHE A 208 21.23 -29.46 22.01
C PHE A 208 20.38 -28.22 21.62
N TYR A 209 20.57 -27.13 22.36
CA TYR A 209 19.93 -25.82 22.14
C TYR A 209 20.74 -24.70 22.79
N PRO A 210 20.95 -23.61 22.08
CA PRO A 210 20.50 -23.21 20.77
C PRO A 210 21.18 -24.11 19.73
N ALA A 211 21.02 -23.81 18.45
CA ALA A 211 21.56 -24.61 17.35
C ALA A 211 23.05 -24.44 16.92
N GLU A 212 23.64 -23.31 17.27
CA GLU A 212 25.04 -23.17 16.94
C GLU A 212 25.78 -24.36 17.64
N ILE A 213 26.61 -25.06 16.89
CA ILE A 213 27.37 -26.12 17.47
C ILE A 213 28.63 -26.30 16.60
N THR A 214 29.68 -26.97 17.09
CA THR A 214 30.83 -27.21 16.23
C THR A 214 31.40 -28.60 16.50
N LEU A 215 31.58 -29.39 15.43
CA LEU A 215 32.07 -30.76 15.50
C LEU A 215 33.32 -30.90 14.69
N THR A 216 34.36 -31.49 15.27
CA THR A 216 35.61 -31.62 14.55
C THR A 216 36.20 -32.93 14.96
N TRP A 217 36.71 -33.57 13.91
CA TRP A 217 37.36 -34.87 13.91
C TRP A 217 38.85 -34.65 13.66
N GLN A 218 39.64 -34.64 14.71
CA GLN A 218 41.07 -34.49 14.48
C GLN A 218 41.82 -35.72 14.96
N GLN A 219 42.85 -36.12 14.25
CA GLN A 219 43.56 -37.31 14.69
C GLN A 219 44.73 -37.05 15.67
N ASP A 220 44.75 -37.71 16.84
CA ASP A 220 45.83 -37.63 17.85
C ASP A 220 46.83 -36.42 17.82
N GLY A 221 46.40 -35.27 18.34
CA GLY A 221 47.24 -34.08 18.34
C GLY A 221 47.03 -33.07 17.20
N GLU A 222 47.83 -33.15 16.14
CA GLU A 222 47.78 -32.18 15.00
C GLU A 222 46.41 -31.68 14.52
N GLY A 223 45.37 -32.40 14.94
CA GLY A 223 44.05 -32.00 14.55
C GLY A 223 44.01 -31.35 13.18
N HIS A 224 44.57 -32.03 12.16
CA HIS A 224 44.51 -31.56 10.78
C HIS A 224 43.28 -32.23 10.58
N THR A 225 42.50 -31.78 9.60
CA THR A 225 41.29 -32.60 9.50
C THR A 225 41.40 -32.96 8.04
N GLN A 226 40.87 -34.17 7.95
CA GLN A 226 40.75 -34.99 6.80
C GLN A 226 39.35 -34.76 6.40
N ASP A 227 39.02 -34.96 5.13
CA ASP A 227 37.62 -34.73 4.74
C ASP A 227 36.76 -35.40 5.80
N THR A 228 35.83 -34.58 6.34
CA THR A 228 34.83 -34.89 7.35
C THR A 228 33.49 -34.45 6.74
N GLU A 229 32.53 -35.36 6.65
CA GLU A 229 31.20 -34.99 6.16
C GLU A 229 30.36 -34.51 7.36
N LEU A 230 29.85 -33.31 7.21
CA LEU A 230 29.06 -32.70 8.24
C LEU A 230 27.67 -32.47 7.66
N VAL A 231 26.64 -33.13 8.21
CA VAL A 231 25.29 -32.92 7.74
C VAL A 231 24.91 -31.58 8.33
N GLU A 232 23.97 -30.94 7.64
CA GLU A 232 23.44 -29.62 8.03
C GLU A 232 22.76 -29.75 9.41
N THR A 233 23.13 -28.91 10.36
CA THR A 233 22.44 -29.04 11.64
C THR A 233 20.91 -29.27 11.48
N ARG A 234 20.23 -30.10 12.26
CA ARG A 234 18.79 -30.25 12.03
C ARG A 234 17.90 -30.20 13.22
N PRO A 235 16.61 -30.01 13.00
CA PRO A 235 15.78 -29.98 14.19
C PRO A 235 15.26 -31.39 14.58
N ALA A 236 15.24 -31.69 15.88
CA ALA A 236 14.75 -32.98 16.35
C ALA A 236 13.23 -32.95 16.33
N GLY A 237 12.69 -31.78 16.54
CA GLY A 237 11.27 -31.64 16.53
C GLY A 237 10.74 -31.30 17.90
N ASP A 238 11.63 -31.16 18.85
CA ASP A 238 11.20 -30.93 20.21
C ASP A 238 11.71 -29.63 20.73
N GLY A 239 12.43 -28.89 19.89
CA GLY A 239 12.97 -27.62 20.32
C GLY A 239 14.47 -27.65 20.25
N THR A 240 15.00 -28.88 20.21
CA THR A 240 16.42 -29.12 20.17
C THR A 240 16.89 -29.49 18.77
N PHE A 241 18.21 -29.54 18.57
CA PHE A 241 18.77 -29.90 17.27
C PHE A 241 19.65 -31.12 17.27
N GLN A 242 20.14 -31.56 16.13
CA GLN A 242 20.99 -32.73 16.06
C GLN A 242 22.01 -32.40 15.03
N LYS A 243 23.17 -33.03 15.08
CA LYS A 243 24.20 -32.77 14.09
C LYS A 243 25.23 -33.87 14.16
N TRP A 244 25.99 -34.11 13.11
CA TRP A 244 26.95 -35.19 13.17
C TRP A 244 27.99 -35.05 12.16
N ALA A 245 29.17 -35.51 12.49
CA ALA A 245 30.30 -35.41 11.59
C ALA A 245 30.85 -36.80 11.37
N ALA A 246 31.23 -37.09 10.15
CA ALA A 246 31.77 -38.41 9.85
C ALA A 246 33.07 -38.32 9.18
N VAL A 247 33.87 -39.34 9.41
CA VAL A 247 35.18 -39.43 8.82
C VAL A 247 35.50 -40.89 8.58
N VAL A 248 36.32 -41.13 7.56
CA VAL A 248 36.75 -42.50 7.24
C VAL A 248 38.16 -42.85 7.66
N VAL A 249 38.20 -43.89 8.46
CA VAL A 249 39.39 -44.37 9.09
C VAL A 249 39.76 -45.83 8.62
N PRO A 250 41.04 -46.25 8.78
CA PRO A 250 41.56 -47.61 8.41
C PRO A 250 41.36 -48.42 9.67
N SER A 251 40.66 -49.55 9.62
CA SER A 251 40.48 -50.30 10.86
C SER A 251 41.77 -50.43 11.68
N GLY A 252 41.62 -50.50 13.00
CA GLY A 252 42.77 -50.54 13.87
C GLY A 252 43.07 -49.15 14.39
N GLU A 253 43.07 -48.13 13.51
CA GLU A 253 43.39 -46.71 13.85
C GLU A 253 42.32 -45.83 14.56
N GLU A 254 41.15 -46.40 14.83
CA GLU A 254 40.06 -45.71 15.49
C GLU A 254 40.36 -44.87 16.74
N GLN A 255 41.54 -45.02 17.37
CA GLN A 255 41.94 -44.20 18.55
C GLN A 255 42.75 -43.01 18.11
N ALA A 256 43.40 -43.14 16.97
CA ALA A 256 44.20 -42.05 16.50
C ALA A 256 43.24 -40.84 16.39
N TYR A 257 41.94 -41.14 16.30
CA TYR A 257 40.91 -40.11 16.14
C TYR A 257 40.06 -39.66 17.30
N THR A 258 39.95 -38.35 17.39
CA THR A 258 39.15 -37.73 18.44
C THR A 258 38.20 -36.63 17.91
N CYS A 259 36.99 -36.57 18.45
CA CYS A 259 36.02 -35.60 18.00
C CYS A 259 35.81 -34.50 19.04
N HIS A 260 35.91 -33.23 18.64
CA HIS A 260 35.69 -32.20 19.63
C HIS A 260 34.36 -31.58 19.46
N VAL A 261 33.59 -31.47 20.51
CA VAL A 261 32.33 -30.85 20.30
C VAL A 261 32.18 -29.53 21.10
N GLN A 262 31.87 -28.42 20.40
CA GLN A 262 31.71 -27.08 21.01
C GLN A 262 30.27 -26.61 21.12
N HIS A 263 29.86 -26.10 22.28
CA HIS A 263 28.48 -25.66 22.40
C HIS A 263 28.23 -24.89 23.68
N GLU A 264 27.58 -23.75 23.57
CA GLU A 264 27.34 -22.93 24.73
C GLU A 264 26.88 -23.63 26.01
N GLY A 265 26.12 -24.71 25.89
CA GLY A 265 25.64 -25.39 27.08
C GLY A 265 26.64 -26.35 27.69
N LEU A 266 27.90 -26.19 27.30
CA LEU A 266 28.95 -27.05 27.82
C LEU A 266 29.88 -26.20 28.61
N PRO A 267 30.12 -26.55 29.90
CA PRO A 267 31.06 -25.73 30.69
C PRO A 267 32.36 -25.68 29.89
N GLU A 268 32.66 -26.78 29.20
CA GLU A 268 33.81 -26.78 28.35
C GLU A 268 33.68 -27.81 27.26
N PRO A 269 34.49 -27.64 26.22
CA PRO A 269 34.56 -28.50 25.05
C PRO A 269 34.62 -29.96 25.51
N VAL A 270 34.07 -30.84 24.70
CA VAL A 270 34.01 -32.26 25.01
C VAL A 270 34.75 -33.08 23.98
N THR A 271 35.57 -34.05 24.38
CA THR A 271 36.25 -34.89 23.38
C THR A 271 35.70 -36.32 23.37
N LEU A 272 35.61 -36.92 22.22
CA LEU A 272 35.06 -38.23 22.24
C LEU A 272 35.96 -39.11 21.47
N ARG A 273 35.97 -40.37 21.84
CA ARG A 273 36.81 -41.30 21.14
C ARG A 273 35.92 -42.50 20.92
N TRP A 274 36.27 -43.34 19.98
CA TRP A 274 35.42 -44.45 19.81
C TRP A 274 35.77 -45.41 20.95
N MET B 1 13.65 -15.14 -11.76
CA MET B 1 13.23 -16.52 -11.34
C MET B 1 14.45 -17.33 -10.95
N ILE B 2 14.53 -17.62 -9.68
CA ILE B 2 15.59 -18.46 -9.19
C ILE B 2 14.94 -19.73 -8.67
N GLN B 3 15.62 -20.89 -8.84
CA GLN B 3 15.14 -22.18 -8.22
C GLN B 3 16.28 -22.86 -7.52
N ARG B 4 15.97 -23.42 -6.40
CA ARG B 4 16.97 -24.13 -5.61
C ARG B 4 16.41 -25.49 -5.27
N THR B 5 17.15 -26.54 -5.46
CA THR B 5 16.56 -27.87 -5.10
C THR B 5 16.61 -28.20 -3.61
N PRO B 6 15.58 -28.91 -3.13
CA PRO B 6 15.49 -29.34 -1.73
C PRO B 6 16.59 -30.37 -1.35
N LYS B 7 17.09 -30.19 -0.13
CA LYS B 7 17.99 -31.05 0.57
C LYS B 7 17.02 -31.80 1.49
N ILE B 8 17.20 -33.09 1.51
CA ILE B 8 16.38 -33.95 2.29
C ILE B 8 17.19 -34.62 3.37
N GLN B 9 16.62 -34.92 4.54
CA GLN B 9 17.28 -35.68 5.64
C GLN B 9 16.16 -36.39 6.35
N VAL B 10 16.26 -37.73 6.41
CA VAL B 10 15.23 -38.58 7.06
C VAL B 10 15.84 -39.01 8.38
N TYR B 11 15.20 -38.85 9.48
CA TYR B 11 15.89 -39.22 10.68
C TYR B 11 14.88 -39.17 11.74
N SER B 12 15.20 -39.84 12.75
CA SER B 12 14.34 -39.97 14.00
C SER B 12 14.64 -39.02 15.16
N ARG B 13 13.60 -38.60 15.94
CA ARG B 13 13.85 -37.65 17.09
C ARG B 13 14.90 -38.16 18.09
N HIS B 14 14.76 -39.43 18.41
CA HIS B 14 15.59 -40.17 19.36
C HIS B 14 16.27 -41.30 18.68
N PRO B 15 17.35 -41.82 19.30
CA PRO B 15 17.99 -42.93 18.58
C PRO B 15 17.06 -44.11 18.42
N ALA B 16 17.14 -44.69 17.25
CA ALA B 16 16.30 -45.80 16.88
C ALA B 16 16.44 -46.90 17.88
N GLU B 17 15.31 -47.28 18.47
CA GLU B 17 15.24 -48.34 19.45
C GLU B 17 14.10 -49.30 19.08
N ASN B 18 14.39 -50.35 18.27
CA ASN B 18 13.31 -51.30 17.86
C ASN B 18 12.29 -51.47 19.00
N GLY B 19 11.00 -51.30 18.71
CA GLY B 19 9.98 -51.43 19.73
C GLY B 19 9.82 -50.19 20.60
N LYS B 20 10.88 -49.42 20.76
CA LYS B 20 10.68 -48.20 21.51
C LYS B 20 10.03 -47.07 20.63
N SER B 21 8.90 -46.55 21.09
CA SER B 21 8.26 -45.48 20.36
C SER B 21 9.18 -44.31 20.04
N ASN B 22 8.88 -43.60 18.95
CA ASN B 22 9.69 -42.45 18.57
C ASN B 22 8.92 -41.37 17.76
N PHE B 23 9.70 -40.65 16.98
CA PHE B 23 9.24 -39.66 16.02
C PHE B 23 10.18 -39.73 14.81
N LEU B 24 9.55 -39.98 13.65
CA LEU B 24 10.17 -40.02 12.33
C LEU B 24 10.15 -38.60 11.69
N ASN B 25 11.31 -38.13 11.24
CA ASN B 25 11.39 -36.80 10.62
C ASN B 25 11.88 -36.75 9.18
N CYS B 26 11.24 -35.87 8.39
CA CYS B 26 11.79 -35.61 7.01
C CYS B 26 12.09 -34.14 7.04
N TYR B 27 13.36 -33.78 7.00
CA TYR B 27 13.66 -32.36 7.03
C TYR B 27 14.03 -31.81 5.60
N VAL B 28 13.20 -30.90 5.02
CA VAL B 28 13.48 -30.41 3.67
C VAL B 28 13.79 -28.92 3.70
N SER B 29 14.89 -28.59 3.03
CA SER B 29 15.44 -27.30 3.12
C SER B 29 16.17 -26.83 1.86
N GLY B 30 16.41 -25.51 1.86
CA GLY B 30 17.13 -24.85 0.81
C GLY B 30 16.51 -24.89 -0.55
N PHE B 31 15.16 -24.90 -0.55
CA PHE B 31 14.46 -24.93 -1.80
C PHE B 31 13.72 -23.63 -2.03
N HIS B 32 13.51 -23.40 -3.34
CA HIS B 32 12.85 -22.30 -3.92
C HIS B 32 12.37 -22.70 -5.31
N PRO B 33 11.11 -22.44 -5.60
CA PRO B 33 10.06 -21.80 -4.77
C PRO B 33 9.52 -22.74 -3.69
N SER B 34 8.61 -22.25 -2.89
CA SER B 34 8.05 -22.93 -1.80
C SER B 34 7.03 -24.00 -2.00
N ASP B 35 6.69 -24.37 -3.21
CA ASP B 35 5.69 -25.44 -3.41
C ASP B 35 6.36 -26.76 -3.28
N ILE B 36 5.99 -27.61 -2.35
CA ILE B 36 6.75 -28.87 -2.23
C ILE B 36 5.86 -29.93 -1.78
N GLU B 37 6.09 -31.16 -2.18
CA GLU B 37 5.26 -32.27 -1.69
C GLU B 37 6.14 -33.20 -0.88
N VAL B 38 5.72 -33.48 0.32
CA VAL B 38 6.50 -34.37 1.16
C VAL B 38 5.61 -35.47 1.79
N ASP B 39 5.95 -36.70 1.59
CA ASP B 39 5.19 -37.78 2.17
C ASP B 39 6.11 -38.64 2.96
N LEU B 40 5.64 -39.10 4.10
CA LEU B 40 6.42 -40.08 4.87
C LEU B 40 5.93 -41.45 4.35
N LEU B 41 6.84 -42.36 4.13
CA LEU B 41 6.40 -43.63 3.66
C LEU B 41 6.73 -44.72 4.67
N LYS B 42 5.81 -45.68 4.81
CA LYS B 42 6.05 -46.96 5.61
C LYS B 42 5.93 -48.14 4.61
N ASN B 43 7.05 -48.72 4.27
CA ASN B 43 7.11 -49.81 3.32
C ASN B 43 6.38 -49.40 2.06
N GLY B 44 6.81 -48.30 1.45
CA GLY B 44 6.20 -47.79 0.23
C GLY B 44 4.84 -47.15 0.39
N GLU B 45 4.14 -47.33 1.52
CA GLU B 45 2.78 -46.77 1.57
C GLU B 45 2.80 -45.42 2.22
N ARG B 46 1.98 -44.49 1.75
CA ARG B 46 2.01 -43.18 2.39
C ARG B 46 1.36 -43.13 3.76
N ILE B 47 2.16 -42.81 4.79
CA ILE B 47 1.69 -42.66 6.16
C ILE B 47 0.62 -41.60 6.31
N GLU B 48 -0.53 -41.89 6.88
CA GLU B 48 -1.45 -40.74 6.95
C GLU B 48 -1.19 -39.95 8.24
N LYS B 49 -1.94 -38.86 8.42
CA LYS B 49 -1.80 -38.02 9.61
C LYS B 49 -0.34 -37.51 9.97
N VAL B 50 0.45 -37.06 8.96
CA VAL B 50 1.80 -36.56 9.19
C VAL B 50 1.62 -35.09 9.53
N GLU B 51 2.65 -34.45 10.01
CA GLU B 51 2.56 -33.06 10.41
C GLU B 51 3.76 -32.34 9.95
N HIS B 52 3.65 -31.01 9.80
CA HIS B 52 4.79 -30.22 9.39
C HIS B 52 4.74 -28.88 10.12
N SER B 53 5.88 -28.18 10.16
CA SER B 53 6.02 -26.87 10.80
C SER B 53 5.65 -25.71 9.88
N ASP B 54 5.75 -24.48 10.40
CA ASP B 54 5.36 -23.28 9.65
C ASP B 54 6.39 -22.85 8.67
N LEU B 55 5.94 -22.67 7.45
CA LEU B 55 6.80 -22.31 6.36
C LEU B 55 7.67 -21.22 6.76
N SER B 56 8.96 -21.36 6.56
CA SER B 56 9.90 -20.34 6.92
C SER B 56 11.09 -20.51 6.05
N PHE B 57 11.87 -19.42 6.00
CA PHE B 57 13.01 -19.41 5.14
C PHE B 57 14.21 -18.93 5.84
N SER B 58 15.32 -19.10 5.21
CA SER B 58 16.55 -18.71 5.82
C SER B 58 17.22 -17.55 5.04
N LYS B 59 18.31 -17.06 5.58
CA LYS B 59 19.08 -15.97 5.05
C LYS B 59 19.29 -15.85 3.56
N ASP B 60 19.46 -16.97 2.82
CA ASP B 60 19.67 -16.96 1.39
C ASP B 60 18.28 -17.13 0.71
N TRP B 61 17.26 -16.87 1.54
CA TRP B 61 15.85 -16.90 1.19
C TRP B 61 15.24 -18.24 0.94
N SER B 62 16.03 -19.32 1.08
CA SER B 62 15.49 -20.65 0.77
C SER B 62 14.60 -21.11 1.93
N PHE B 63 13.60 -21.89 1.55
CA PHE B 63 12.62 -22.40 2.49
C PHE B 63 13.05 -23.73 3.09
N TYR B 64 12.48 -23.98 4.27
CA TYR B 64 12.65 -25.20 5.00
C TYR B 64 11.41 -25.53 5.82
N LEU B 65 11.07 -26.83 5.85
CA LEU B 65 9.96 -27.39 6.64
C LEU B 65 10.40 -28.67 7.31
N LEU B 66 9.79 -28.94 8.45
CA LEU B 66 10.03 -30.29 9.07
C LEU B 66 8.68 -31.09 9.01
N TYR B 67 8.74 -32.28 8.41
CA TYR B 67 7.55 -33.14 8.29
C TYR B 67 7.81 -34.30 9.24
N TYR B 68 6.79 -34.70 9.99
CA TYR B 68 7.03 -35.76 10.94
C TYR B 68 5.80 -36.47 11.42
N THR B 69 6.07 -37.60 12.07
CA THR B 69 5.00 -38.42 12.57
C THR B 69 5.54 -39.33 13.61
N GLU B 70 4.65 -39.72 14.54
CA GLU B 70 5.06 -40.63 15.60
C GLU B 70 5.18 -42.00 15.00
N PHE B 71 6.20 -42.75 15.39
CA PHE B 71 6.31 -44.11 14.89
C PHE B 71 7.14 -45.06 15.77
N THR B 72 7.17 -46.34 15.34
CA THR B 72 7.94 -47.31 16.07
C THR B 72 8.81 -48.17 15.23
N PRO B 73 10.10 -47.86 15.24
CA PRO B 73 11.13 -48.60 14.49
C PRO B 73 11.03 -50.11 14.74
N THR B 74 11.40 -50.88 13.76
CA THR B 74 11.28 -52.32 13.78
C THR B 74 12.47 -52.83 12.97
N GLU B 75 12.92 -54.05 13.15
CA GLU B 75 14.04 -54.35 12.30
C GLU B 75 13.52 -54.59 10.90
N LYS B 76 12.26 -54.94 10.77
CA LYS B 76 11.78 -55.26 9.44
C LYS B 76 11.19 -54.15 8.58
N ASP B 77 10.33 -53.36 9.20
CA ASP B 77 9.70 -52.23 8.54
C ASP B 77 10.65 -51.24 7.81
N GLU B 78 10.33 -50.97 6.53
CA GLU B 78 11.08 -50.04 5.68
C GLU B 78 10.53 -48.58 5.66
N TYR B 79 11.17 -47.59 6.30
CA TYR B 79 10.64 -46.21 6.19
C TYR B 79 11.41 -45.28 5.22
N ALA B 80 10.66 -44.33 4.67
CA ALA B 80 11.24 -43.30 3.72
C ALA B 80 10.47 -41.99 3.69
N CYS B 81 11.07 -41.04 2.98
CA CYS B 81 10.45 -39.73 2.75
C CYS B 81 10.36 -39.58 1.27
N ARG B 82 9.25 -39.13 0.74
CA ARG B 82 9.19 -38.97 -0.71
C ARG B 82 8.94 -37.46 -0.96
N VAL B 83 9.82 -36.82 -1.77
CA VAL B 83 9.69 -35.40 -2.01
C VAL B 83 9.56 -34.99 -3.43
N ASN B 84 8.68 -33.98 -3.66
CA ASN B 84 8.50 -33.46 -5.00
C ASN B 84 8.62 -31.96 -5.17
N HIS B 85 9.27 -31.54 -6.23
CA HIS B 85 9.42 -30.12 -6.39
C HIS B 85 9.76 -29.81 -7.83
N VAL B 86 9.53 -28.57 -8.25
CA VAL B 86 9.79 -28.23 -9.64
C VAL B 86 11.21 -28.56 -10.06
N THR B 87 12.15 -28.32 -9.16
CA THR B 87 13.48 -28.68 -9.55
C THR B 87 13.73 -30.21 -9.67
N LEU B 88 12.74 -31.09 -9.54
CA LEU B 88 13.04 -32.54 -9.60
C LEU B 88 12.41 -33.31 -10.76
N SER B 89 13.17 -34.04 -11.53
CA SER B 89 12.61 -34.77 -12.65
C SER B 89 11.47 -35.63 -12.20
N GLN B 90 11.68 -36.32 -11.08
CA GLN B 90 10.68 -37.16 -10.49
C GLN B 90 10.85 -37.14 -8.97
N PRO B 91 9.79 -37.51 -8.26
CA PRO B 91 10.05 -37.47 -6.83
C PRO B 91 11.32 -38.25 -6.42
N LYS B 92 11.91 -37.72 -5.41
CA LYS B 92 13.08 -38.27 -4.85
C LYS B 92 12.67 -39.04 -3.56
N ILE B 93 13.16 -40.25 -3.35
CA ILE B 93 12.80 -40.93 -2.13
C ILE B 93 14.06 -41.12 -1.31
N VAL B 94 14.05 -40.74 -0.04
CA VAL B 94 15.22 -41.11 0.71
C VAL B 94 14.79 -41.91 1.91
N LYS B 95 15.43 -43.10 1.99
CA LYS B 95 15.17 -44.14 3.00
C LYS B 95 15.62 -43.81 4.38
N TRP B 96 14.83 -44.09 5.40
CA TRP B 96 15.36 -43.83 6.73
C TRP B 96 16.44 -44.89 6.99
N ASP B 97 17.58 -44.48 7.50
CA ASP B 97 18.65 -45.35 7.84
C ASP B 97 18.91 -44.91 9.31
N ARG B 98 18.50 -45.72 10.29
CA ARG B 98 18.67 -45.35 11.70
C ARG B 98 20.08 -44.91 12.10
N ASP B 99 21.01 -45.09 11.17
CA ASP B 99 22.36 -44.72 11.46
C ASP B 99 22.66 -43.26 11.20
N MET B 100 21.67 -42.55 10.61
CA MET B 100 21.79 -41.14 10.26
C MET B 100 20.64 -40.24 10.66
N GLY C 1 0.39 37.78 -4.53
CA GLY C 1 -0.95 37.30 -4.15
C GLY C 1 -0.95 36.32 -2.98
N SER C 2 -1.16 35.04 -3.30
CA SER C 2 -1.19 33.94 -2.33
C SER C 2 -1.58 32.69 -3.14
N HIS C 3 -0.87 31.60 -2.88
CA HIS C 3 -1.07 30.36 -3.66
C HIS C 3 -1.16 29.01 -3.05
N SER C 4 -1.81 28.15 -3.84
CA SER C 4 -2.04 26.76 -3.50
C SER C 4 -1.77 25.74 -4.58
N LEU C 5 -1.24 24.61 -4.14
CA LEU C 5 -1.09 23.48 -5.04
C LEU C 5 -2.04 22.48 -4.41
N LYS C 6 -3.02 21.98 -5.15
CA LYS C 6 -3.93 21.04 -4.58
C LYS C 6 -4.46 19.95 -5.47
N TYR C 7 -4.70 18.76 -4.91
CA TYR C 7 -5.16 17.62 -5.69
C TYR C 7 -6.37 16.96 -5.06
N PHE C 8 -7.18 16.42 -5.96
CA PHE C 8 -8.46 15.78 -5.69
C PHE C 8 -8.48 14.35 -6.23
N HIS C 9 -8.73 13.34 -5.42
CA HIS C 9 -8.70 11.99 -5.95
C HIS C 9 -9.95 11.30 -5.59
N THR C 10 -10.53 10.68 -6.59
CA THR C 10 -11.76 9.98 -6.42
C THR C 10 -11.64 8.51 -6.86
N SER C 11 -12.19 7.60 -6.06
CA SER C 11 -12.21 6.19 -6.42
C SER C 11 -13.67 5.76 -6.45
N VAL C 12 -14.15 5.16 -7.51
CA VAL C 12 -15.51 4.72 -7.50
C VAL C 12 -15.59 3.25 -7.86
N SER C 13 -16.16 2.47 -6.96
CA SER C 13 -16.24 1.04 -7.22
C SER C 13 -17.31 0.80 -8.19
N ARG C 14 -17.03 -0.05 -9.17
CA ARG C 14 -18.00 -0.46 -10.18
C ARG C 14 -18.27 -1.98 -10.05
N PRO C 15 -19.35 -2.36 -9.35
CA PRO C 15 -19.79 -3.75 -9.11
C PRO C 15 -19.66 -4.67 -10.28
N GLY C 16 -20.71 -4.76 -11.10
CA GLY C 16 -20.66 -5.65 -12.27
C GLY C 16 -19.34 -5.61 -13.05
N ARG C 17 -19.00 -4.41 -13.45
CA ARG C 17 -17.81 -4.06 -14.25
C ARG C 17 -16.35 -4.30 -13.79
N GLY C 18 -16.02 -4.68 -12.57
CA GLY C 18 -14.61 -4.84 -12.33
C GLY C 18 -13.91 -3.70 -11.65
N GLU C 19 -12.59 -3.64 -11.79
CA GLU C 19 -11.70 -2.66 -11.13
C GLU C 19 -12.22 -1.22 -10.95
N PRO C 20 -12.45 -0.75 -9.67
CA PRO C 20 -12.97 0.63 -9.51
C PRO C 20 -12.23 1.74 -10.28
N ARG C 21 -13.06 2.70 -10.71
CA ARG C 21 -12.73 3.97 -11.44
C ARG C 21 -11.87 4.90 -10.59
N PHE C 22 -10.70 5.27 -11.04
CA PHE C 22 -9.94 6.21 -10.23
C PHE C 22 -9.55 7.50 -10.98
N ILE C 23 -9.95 8.64 -10.44
CA ILE C 23 -9.59 9.87 -11.09
C ILE C 23 -8.81 10.74 -10.22
N SER C 24 -7.96 11.48 -10.84
CA SER C 24 -7.08 12.28 -10.05
C SER C 24 -6.83 13.65 -10.78
N VAL C 25 -7.22 14.80 -10.21
CA VAL C 25 -6.97 16.12 -10.90
C VAL C 25 -6.16 17.02 -10.05
N GLY C 26 -5.20 17.70 -10.65
CA GLY C 26 -4.32 18.59 -9.88
C GLY C 26 -4.54 20.09 -10.19
N TYR C 27 -4.22 20.96 -9.22
CA TYR C 27 -4.43 22.38 -9.39
C TYR C 27 -3.41 23.33 -8.75
N VAL C 28 -3.06 24.37 -9.51
CA VAL C 28 -2.23 25.49 -8.97
C VAL C 28 -3.38 26.47 -9.07
N ASP C 29 -3.77 26.91 -7.87
CA ASP C 29 -5.01 27.63 -7.53
C ASP C 29 -5.89 27.74 -8.64
N ASP C 30 -7.12 27.34 -8.57
CA ASP C 30 -8.00 27.58 -9.77
C ASP C 30 -7.66 27.14 -11.16
N THR C 31 -6.40 26.84 -11.52
CA THR C 31 -6.07 26.25 -12.86
C THR C 31 -5.67 24.73 -12.68
N GLN C 32 -6.25 23.88 -13.53
CA GLN C 32 -5.97 22.46 -13.54
C GLN C 32 -4.77 22.28 -14.40
N PHE C 33 -3.81 21.51 -13.96
CA PHE C 33 -2.65 21.34 -14.82
C PHE C 33 -2.26 19.91 -15.20
N VAL C 34 -2.89 18.95 -14.51
CA VAL C 34 -2.58 17.53 -14.67
C VAL C 34 -3.77 16.78 -14.28
N ARG C 35 -3.80 15.56 -14.70
CA ARG C 35 -4.88 14.66 -14.32
C ARG C 35 -4.43 13.23 -14.63
N PHE C 36 -5.04 12.31 -13.91
CA PHE C 36 -4.88 10.88 -14.05
C PHE C 36 -6.29 10.32 -14.11
N ASP C 37 -6.59 9.62 -15.19
CA ASP C 37 -7.87 8.93 -15.22
C ASP C 37 -7.57 7.45 -15.61
N ASN C 38 -7.77 6.52 -14.67
CA ASN C 38 -7.44 5.11 -14.92
C ASN C 38 -8.30 4.51 -15.99
N ASP C 39 -9.34 5.21 -16.33
CA ASP C 39 -10.25 4.74 -17.32
C ASP C 39 -9.84 5.22 -18.67
N ALA C 40 -9.39 6.48 -18.70
CA ALA C 40 -8.94 7.15 -19.94
C ALA C 40 -8.22 6.16 -20.88
N ALA C 41 -8.17 6.55 -22.16
CA ALA C 41 -7.52 5.74 -23.20
C ALA C 41 -6.01 5.63 -22.93
N SER C 42 -5.54 6.47 -22.00
CA SER C 42 -4.14 6.49 -21.60
C SER C 42 -4.12 6.43 -20.05
N PRO C 43 -3.94 5.19 -19.44
CA PRO C 43 -3.91 5.17 -17.97
C PRO C 43 -2.57 5.69 -17.49
N ARG C 44 -2.29 6.97 -17.79
CA ARG C 44 -1.07 7.76 -17.38
C ARG C 44 -1.44 9.22 -16.89
N MET C 45 -0.53 9.83 -16.13
CA MET C 45 -0.74 11.17 -15.65
C MET C 45 -0.49 12.05 -16.89
N VAL C 46 -1.43 12.90 -17.23
CA VAL C 46 -1.23 13.75 -18.40
C VAL C 46 -1.20 15.27 -18.05
N PRO C 47 -0.76 16.11 -19.00
CA PRO C 47 -0.76 17.51 -18.61
C PRO C 47 -2.05 18.02 -19.16
N ARG C 48 -2.58 18.94 -18.37
CA ARG C 48 -3.82 19.60 -18.63
C ARG C 48 -3.63 21.08 -18.91
N ALA C 49 -2.45 21.55 -18.78
CA ALA C 49 -2.25 22.92 -18.96
C ALA C 49 -1.15 22.97 -20.04
N PRO C 50 -1.01 24.10 -20.81
CA PRO C 50 0.08 23.94 -21.78
C PRO C 50 1.43 24.25 -21.16
N TRP C 51 1.46 25.04 -20.09
CA TRP C 51 2.75 25.29 -19.48
C TRP C 51 3.35 24.03 -18.81
N MET C 52 2.62 22.92 -18.92
CA MET C 52 3.05 21.63 -18.36
C MET C 52 3.64 20.70 -19.43
N GLU C 53 3.44 21.02 -20.71
CA GLU C 53 3.99 20.23 -21.84
C GLU C 53 5.54 20.28 -21.87
N GLN C 54 6.10 21.34 -21.30
CA GLN C 54 7.53 21.41 -21.31
C GLN C 54 8.01 20.55 -20.17
N GLU C 55 7.37 19.42 -19.93
CA GLU C 55 7.84 18.55 -18.85
C GLU C 55 8.28 17.19 -19.37
N GLY C 56 9.42 16.74 -18.87
CA GLY C 56 10.05 15.49 -19.31
C GLY C 56 9.65 14.19 -18.68
N SER C 57 9.69 13.13 -19.51
CA SER C 57 9.37 11.73 -19.14
C SER C 57 9.54 11.32 -17.67
N GLU C 58 10.68 11.67 -17.06
CA GLU C 58 10.94 11.38 -15.64
C GLU C 58 9.67 11.74 -14.83
N TYR C 59 9.29 13.03 -14.93
CA TYR C 59 8.12 13.59 -14.26
C TYR C 59 6.89 12.81 -14.57
N TRP C 60 6.51 12.69 -15.83
CA TRP C 60 5.30 11.94 -16.14
C TRP C 60 5.34 10.47 -15.66
N ASP C 61 6.48 9.83 -15.85
CA ASP C 61 6.58 8.47 -15.43
C ASP C 61 6.37 8.36 -13.96
N ARG C 62 7.09 9.19 -13.20
CA ARG C 62 7.01 9.18 -11.74
C ARG C 62 5.62 9.46 -11.20
N GLU C 63 4.96 10.46 -11.76
CA GLU C 63 3.65 10.82 -11.35
C GLU C 63 2.67 9.80 -11.80
N THR C 64 2.87 9.14 -12.93
CA THR C 64 1.89 8.10 -13.29
C THR C 64 2.03 6.91 -12.29
N ARG C 65 3.23 6.67 -11.79
CA ARG C 65 3.35 5.61 -10.86
C ARG C 65 2.56 6.06 -9.61
N SER C 66 2.92 7.23 -9.06
CA SER C 66 2.20 7.75 -7.88
C SER C 66 0.73 7.61 -7.97
N ALA C 67 0.18 7.82 -9.15
CA ALA C 67 -1.22 7.72 -9.21
C ALA C 67 -1.68 6.26 -9.28
N ARG C 68 -0.96 5.45 -10.09
CA ARG C 68 -1.30 4.01 -10.19
C ARG C 68 -1.30 3.44 -8.79
N ASP C 69 -0.27 3.83 -8.01
CA ASP C 69 -0.14 3.36 -6.67
C ASP C 69 -1.30 3.74 -5.79
N THR C 70 -1.69 5.00 -5.78
CA THR C 70 -2.81 5.43 -4.95
C THR C 70 -4.07 4.73 -5.38
N ALA C 71 -4.26 4.57 -6.68
CA ALA C 71 -5.43 3.87 -7.17
C ALA C 71 -5.47 2.50 -6.53
N GLN C 72 -4.28 1.90 -6.42
CA GLN C 72 -4.08 0.56 -5.84
C GLN C 72 -4.38 0.60 -4.34
N ILE C 73 -3.70 1.45 -3.59
CA ILE C 73 -4.08 1.56 -2.19
C ILE C 73 -5.57 1.96 -2.05
N PHE C 74 -6.12 2.74 -2.95
CA PHE C 74 -7.51 3.07 -2.75
C PHE C 74 -8.42 1.93 -2.90
N ARG C 75 -8.05 1.00 -3.77
CA ARG C 75 -8.88 -0.18 -4.00
C ARG C 75 -8.83 -1.09 -2.73
N VAL C 76 -7.67 -1.06 -2.09
CA VAL C 76 -7.55 -1.85 -0.89
C VAL C 76 -8.49 -1.16 0.03
N ASN C 77 -8.27 0.15 0.21
CA ASN C 77 -9.07 0.95 1.13
C ASN C 77 -10.57 0.77 0.99
N LEU C 78 -11.04 0.63 -0.26
CA LEU C 78 -12.47 0.48 -0.50
C LEU C 78 -13.09 -0.78 0.03
N ARG C 79 -12.25 -1.80 -0.02
CA ARG C 79 -12.55 -3.18 0.39
C ARG C 79 -12.64 -3.13 1.91
N THR C 80 -11.57 -2.68 2.54
CA THR C 80 -11.56 -2.53 3.95
C THR C 80 -12.81 -1.78 4.49
N LEU C 81 -13.19 -0.68 3.83
CA LEU C 81 -14.29 0.06 4.33
C LEU C 81 -15.57 -0.72 4.11
N ARG C 82 -15.69 -1.38 2.98
CA ARG C 82 -16.90 -2.19 2.71
C ARG C 82 -17.09 -3.10 3.90
N GLY C 83 -15.95 -3.59 4.41
CA GLY C 83 -15.84 -4.46 5.56
C GLY C 83 -16.27 -3.75 6.80
N TYR C 84 -15.52 -2.75 7.32
CA TYR C 84 -15.96 -1.94 8.49
C TYR C 84 -17.49 -1.64 8.55
N TYR C 85 -18.13 -1.38 7.42
CA TYR C 85 -19.55 -1.12 7.43
C TYR C 85 -20.41 -2.37 7.12
N ASN C 86 -19.82 -3.55 6.96
CA ASN C 86 -20.60 -4.77 6.62
C ASN C 86 -21.48 -4.47 5.42
N GLN C 87 -20.83 -4.28 4.29
CA GLN C 87 -21.59 -3.87 3.12
C GLN C 87 -21.37 -4.69 1.86
N SER C 88 -22.45 -4.96 1.16
CA SER C 88 -22.37 -5.69 -0.07
C SER C 88 -21.34 -5.14 -1.08
N GLU C 89 -20.71 -6.03 -1.86
CA GLU C 89 -19.70 -5.72 -2.85
C GLU C 89 -20.47 -5.57 -4.13
N ALA C 90 -21.79 -5.47 -3.98
CA ALA C 90 -22.66 -5.29 -5.12
C ALA C 90 -23.11 -3.84 -5.21
N GLY C 91 -23.05 -3.12 -4.10
CA GLY C 91 -23.39 -1.73 -4.19
C GLY C 91 -22.13 -0.95 -4.52
N SER C 92 -22.29 0.21 -5.18
CA SER C 92 -21.12 1.03 -5.50
C SER C 92 -20.74 2.00 -4.35
N HIS C 93 -19.45 2.29 -4.21
CA HIS C 93 -18.97 3.19 -3.16
C HIS C 93 -17.88 4.10 -3.68
N THR C 94 -17.59 5.14 -2.87
CA THR C 94 -16.72 6.22 -3.32
C THR C 94 -15.67 6.60 -2.32
N LEU C 95 -14.44 6.75 -2.73
CA LEU C 95 -13.50 7.15 -1.74
C LEU C 95 -12.84 8.44 -2.29
N GLN C 96 -12.91 9.54 -1.54
CA GLN C 96 -12.36 10.76 -2.01
C GLN C 96 -11.28 11.20 -1.09
N TRP C 97 -10.26 11.80 -1.68
CA TRP C 97 -9.21 12.29 -0.84
C TRP C 97 -8.81 13.66 -1.39
N MET C 98 -8.63 14.69 -0.57
CA MET C 98 -8.25 15.96 -1.11
C MET C 98 -7.13 16.34 -0.23
N HIS C 99 -6.10 16.94 -0.82
CA HIS C 99 -4.97 17.36 -0.03
C HIS C 99 -4.38 18.57 -0.78
N GLY C 100 -3.90 19.55 -0.01
CA GLY C 100 -3.33 20.71 -0.64
C GLY C 100 -2.40 21.53 0.26
N CYS C 101 -1.49 22.31 -0.32
CA CYS C 101 -0.70 23.17 0.54
C CYS C 101 -0.86 24.67 0.11
N GLU C 102 -0.67 25.62 1.05
CA GLU C 102 -0.76 27.03 0.69
C GLU C 102 0.45 27.88 1.09
N LEU C 103 0.79 28.86 0.25
CA LEU C 103 1.89 29.77 0.59
C LEU C 103 1.34 31.03 1.33
N GLY C 104 2.22 31.76 1.99
CA GLY C 104 1.77 33.01 2.61
C GLY C 104 1.84 34.06 1.50
N PRO C 105 1.21 35.24 1.67
CA PRO C 105 1.29 36.26 0.60
C PRO C 105 2.78 36.64 0.46
N ASP C 106 3.51 36.25 1.50
CA ASP C 106 4.96 36.38 1.71
C ASP C 106 5.78 35.16 1.14
N GLY C 107 5.16 34.34 0.28
CA GLY C 107 5.90 33.24 -0.34
C GLY C 107 6.25 31.89 0.28
N ARG C 108 6.14 31.70 1.58
CA ARG C 108 6.47 30.41 2.16
C ARG C 108 5.25 29.57 2.56
N PHE C 109 5.52 28.46 3.24
CA PHE C 109 4.45 27.60 3.73
C PHE C 109 3.44 28.44 4.52
N LEU C 110 2.20 28.03 4.60
CA LEU C 110 1.22 28.82 5.34
C LEU C 110 0.41 27.82 6.11
N ARG C 111 -0.46 27.11 5.41
CA ARG C 111 -1.26 26.05 6.01
C ARG C 111 -1.27 24.90 4.97
N GLY C 112 -1.65 23.71 5.41
CA GLY C 112 -1.72 22.57 4.51
C GLY C 112 -2.90 21.77 4.97
N TYR C 113 -3.42 20.84 4.20
CA TYR C 113 -4.53 20.05 4.69
C TYR C 113 -4.76 18.74 3.92
N GLU C 114 -5.48 17.85 4.59
CA GLU C 114 -5.74 16.56 4.00
C GLU C 114 -7.01 15.91 4.49
N GLN C 115 -7.83 15.44 3.58
CA GLN C 115 -9.03 14.79 4.02
C GLN C 115 -9.48 13.57 3.29
N PHE C 116 -10.24 12.73 3.99
CA PHE C 116 -10.83 11.54 3.37
C PHE C 116 -12.29 11.55 3.53
N ALA C 117 -13.00 11.28 2.47
CA ALA C 117 -14.43 11.20 2.51
C ALA C 117 -14.86 9.85 1.92
N TYR C 118 -15.89 9.24 2.50
CA TYR C 118 -16.36 7.96 2.00
C TYR C 118 -17.82 8.02 1.75
N ASP C 119 -18.29 7.60 0.57
CA ASP C 119 -19.72 7.69 0.26
C ASP C 119 -20.29 9.07 0.60
N GLY C 120 -19.63 10.13 0.15
CA GLY C 120 -20.10 11.50 0.36
C GLY C 120 -19.82 12.22 1.67
N LYS C 121 -19.25 11.55 2.66
CA LYS C 121 -19.06 12.25 3.88
C LYS C 121 -17.65 12.19 4.46
N ASP C 122 -17.36 13.01 5.43
CA ASP C 122 -16.08 13.03 6.04
C ASP C 122 -15.90 11.74 6.70
N TYR C 123 -14.66 11.33 6.75
CA TYR C 123 -14.29 10.09 7.32
C TYR C 123 -13.04 10.24 8.09
N LEU C 124 -11.98 10.77 7.51
CA LEU C 124 -10.78 10.91 8.33
C LEU C 124 -10.09 12.25 8.06
N THR C 125 -9.82 13.04 9.07
CA THR C 125 -9.20 14.30 8.68
C THR C 125 -7.92 14.54 9.41
N LEU C 126 -6.92 15.01 8.67
CA LEU C 126 -5.64 15.29 9.27
C LEU C 126 -5.89 16.55 10.02
N ASN C 127 -5.48 16.64 11.27
CA ASN C 127 -5.69 17.86 12.03
C ASN C 127 -4.75 19.03 11.70
N GLU C 128 -5.17 20.22 12.11
CA GLU C 128 -4.39 21.42 11.91
C GLU C 128 -2.90 21.21 12.18
N ASP C 129 -2.58 20.72 13.38
CA ASP C 129 -1.18 20.62 13.72
C ASP C 129 -0.50 19.74 12.71
N LEU C 130 -1.32 18.93 12.00
CA LEU C 130 -0.81 18.01 10.99
C LEU C 130 0.05 16.94 11.67
N ARG C 131 -0.36 16.54 12.87
CA ARG C 131 0.41 15.52 13.57
C ARG C 131 -0.59 14.56 14.15
N SER C 132 -1.84 14.76 13.79
CA SER C 132 -2.90 13.93 14.32
C SER C 132 -4.13 13.91 13.43
N TRP C 133 -4.96 12.88 13.66
CA TRP C 133 -6.18 12.71 12.92
C TRP C 133 -7.47 12.71 13.69
N THR C 134 -8.48 13.19 13.02
CA THR C 134 -9.82 13.19 13.52
C THR C 134 -10.72 12.23 12.70
N ALA C 135 -11.08 11.14 13.38
CA ALA C 135 -12.00 10.13 12.89
C ALA C 135 -13.43 10.73 12.94
N VAL C 136 -14.38 10.06 12.30
CA VAL C 136 -15.74 10.56 12.21
C VAL C 136 -16.78 9.53 12.64
N ASP C 137 -16.35 8.27 12.53
CA ASP C 137 -17.17 7.12 12.81
C ASP C 137 -16.47 6.35 13.84
N THR C 138 -16.90 5.15 14.06
CA THR C 138 -16.17 4.33 14.98
C THR C 138 -15.22 3.51 14.05
N ALA C 139 -15.61 3.39 12.78
CA ALA C 139 -14.84 2.67 11.78
C ALA C 139 -13.58 3.48 11.48
N ALA C 140 -13.79 4.78 11.45
CA ALA C 140 -12.75 5.74 11.15
C ALA C 140 -11.83 5.75 12.29
N GLN C 141 -12.30 5.27 13.43
CA GLN C 141 -11.42 5.26 14.59
C GLN C 141 -10.49 4.11 14.42
N ILE C 142 -10.92 3.09 13.71
CA ILE C 142 -9.95 2.03 13.49
C ILE C 142 -8.92 2.55 12.53
N SER C 143 -9.44 3.18 11.47
CA SER C 143 -8.60 3.76 10.47
C SER C 143 -7.70 4.70 11.26
N GLU C 144 -8.26 5.52 12.13
CA GLU C 144 -7.40 6.43 12.85
C GLU C 144 -6.22 5.80 13.66
N GLN C 145 -6.44 4.71 14.39
CA GLN C 145 -5.33 4.16 15.15
C GLN C 145 -4.33 3.47 14.24
N LYS C 146 -4.86 2.85 13.19
CA LYS C 146 -4.08 2.16 12.18
C LYS C 146 -3.12 3.20 11.66
N SER C 147 -3.66 4.39 11.45
CA SER C 147 -2.91 5.50 10.93
C SER C 147 -1.87 5.96 11.85
N ASN C 148 -2.24 6.31 13.08
CA ASN C 148 -1.26 6.79 14.05
C ASN C 148 -0.14 5.84 14.39
N ASP C 149 -0.44 4.53 14.47
CA ASP C 149 0.59 3.54 14.84
C ASP C 149 1.54 3.45 13.68
N ALA C 150 0.96 3.66 12.47
CA ALA C 150 1.68 3.65 11.17
C ALA C 150 2.52 4.94 11.00
N SER C 151 2.03 5.99 11.60
CA SER C 151 2.76 7.22 11.56
C SER C 151 2.55 7.96 10.22
N GLU C 152 1.34 7.91 9.67
CA GLU C 152 1.06 8.55 8.38
C GLU C 152 1.26 10.06 8.47
N ALA C 153 0.56 10.75 9.34
CA ALA C 153 0.72 12.18 9.46
C ALA C 153 2.16 12.70 9.37
N GLU C 154 3.11 11.91 9.84
CA GLU C 154 4.49 12.34 9.78
C GLU C 154 4.82 12.48 8.33
N HIS C 155 4.55 11.42 7.57
CA HIS C 155 4.75 11.42 6.14
C HIS C 155 4.05 12.65 5.49
N GLN C 156 2.73 12.61 5.52
CA GLN C 156 1.93 13.65 4.99
C GLN C 156 2.42 15.04 5.35
N ARG C 157 2.92 15.23 6.57
CA ARG C 157 3.34 16.55 6.95
C ARG C 157 4.56 16.96 6.23
N ALA C 158 5.43 16.01 5.91
CA ALA C 158 6.65 16.35 5.21
C ALA C 158 6.24 16.80 3.84
N TYR C 159 5.54 15.95 3.13
CA TYR C 159 5.05 16.30 1.81
C TYR C 159 4.38 17.67 1.84
N LEU C 160 3.35 17.77 2.65
CA LEU C 160 2.64 19.01 2.78
C LEU C 160 3.52 20.22 3.06
N GLU C 161 4.55 20.03 3.85
CA GLU C 161 5.37 21.17 4.20
C GLU C 161 6.59 21.50 3.34
N ASP C 162 7.10 20.57 2.53
CA ASP C 162 8.22 20.86 1.66
C ASP C 162 7.72 20.54 0.32
N THR C 163 7.91 19.28 -0.01
CA THR C 163 7.56 18.82 -1.32
C THR C 163 6.50 19.59 -2.04
N CYS C 164 5.40 19.84 -1.34
CA CYS C 164 4.31 20.51 -1.95
C CYS C 164 4.70 21.96 -2.20
N VAL C 165 5.18 22.62 -1.16
CA VAL C 165 5.51 23.99 -1.43
C VAL C 165 6.71 24.10 -2.35
N GLU C 166 7.60 23.15 -2.39
CA GLU C 166 8.67 23.39 -3.28
C GLU C 166 8.26 23.29 -4.74
N TRP C 167 7.27 22.46 -5.00
CA TRP C 167 6.86 22.32 -6.37
C TRP C 167 5.83 23.35 -6.73
N LEU C 168 5.14 23.91 -5.73
CA LEU C 168 4.13 24.92 -6.02
C LEU C 168 4.96 26.02 -6.67
N HIS C 169 6.12 26.26 -6.07
CA HIS C 169 7.07 27.21 -6.61
C HIS C 169 7.46 26.89 -8.03
N LYS C 170 7.96 25.70 -8.26
CA LYS C 170 8.32 25.36 -9.63
C LYS C 170 7.19 25.48 -10.62
N TYR C 171 5.94 25.35 -10.19
CA TYR C 171 4.84 25.38 -11.15
C TYR C 171 4.47 26.79 -11.48
N LEU C 172 4.53 27.65 -10.46
CA LEU C 172 4.28 29.09 -10.61
C LEU C 172 5.31 29.56 -11.61
N GLU C 173 6.56 29.15 -11.48
CA GLU C 173 7.53 29.53 -12.46
C GLU C 173 7.08 29.14 -13.87
N LYS C 174 6.96 27.86 -14.11
CA LYS C 174 6.54 27.38 -15.41
C LYS C 174 5.20 27.92 -15.96
N GLY C 175 4.37 28.51 -15.11
CA GLY C 175 3.13 29.04 -15.67
C GLY C 175 2.95 30.50 -15.27
N LYS C 176 4.05 31.16 -14.85
CA LYS C 176 4.14 32.55 -14.38
C LYS C 176 3.26 33.43 -15.23
N GLU C 177 3.60 33.31 -16.51
CA GLU C 177 2.92 33.98 -17.58
C GLU C 177 1.50 33.49 -17.71
N THR C 178 0.72 33.38 -16.65
CA THR C 178 -0.63 32.83 -16.80
C THR C 178 -1.18 32.80 -15.38
N LEU C 179 -0.52 31.99 -14.59
CA LEU C 179 -0.92 31.88 -13.23
C LEU C 179 -0.79 33.28 -12.61
N LEU C 180 0.04 34.14 -13.18
CA LEU C 180 0.17 35.45 -12.53
C LEU C 180 -0.75 36.51 -13.05
N HIS C 181 -1.32 36.21 -14.21
CA HIS C 181 -2.27 37.08 -14.79
C HIS C 181 -3.53 37.35 -13.94
N LEU C 182 -4.15 38.50 -14.12
CA LEU C 182 -5.36 38.84 -13.38
C LEU C 182 -6.32 39.24 -14.44
N GLU C 183 -7.40 38.52 -14.58
CA GLU C 183 -8.34 38.89 -15.60
C GLU C 183 -9.58 39.49 -14.97
N PRO C 184 -9.73 40.85 -15.02
CA PRO C 184 -10.93 41.37 -14.39
C PRO C 184 -12.14 41.05 -15.23
N PRO C 185 -13.27 41.13 -14.59
CA PRO C 185 -14.58 40.88 -15.11
C PRO C 185 -15.05 41.90 -16.14
N LYS C 186 -15.65 41.42 -17.22
CA LYS C 186 -16.30 42.23 -18.23
C LYS C 186 -17.62 42.39 -17.49
N THR C 187 -18.10 43.56 -17.11
CA THR C 187 -19.37 43.60 -16.36
C THR C 187 -20.57 44.18 -17.11
N HIS C 188 -21.76 43.87 -16.64
CA HIS C 188 -22.98 44.49 -17.13
C HIS C 188 -24.31 44.24 -16.51
N VAL C 189 -25.26 45.16 -16.71
CA VAL C 189 -26.54 44.98 -16.09
C VAL C 189 -27.61 44.77 -17.09
N THR C 190 -28.54 43.87 -16.80
CA THR C 190 -29.64 43.60 -17.73
C THR C 190 -31.02 43.74 -17.10
N HIS C 191 -31.93 44.05 -18.01
CA HIS C 191 -33.30 44.31 -17.66
C HIS C 191 -34.24 43.31 -18.27
N HIS C 192 -34.90 42.59 -17.39
CA HIS C 192 -35.88 41.58 -17.78
C HIS C 192 -37.19 41.82 -16.92
N PRO C 193 -38.16 42.55 -17.51
CA PRO C 193 -39.38 42.81 -16.75
C PRO C 193 -40.35 41.66 -16.56
N ILE C 194 -40.80 41.50 -15.33
CA ILE C 194 -41.73 40.45 -14.96
C ILE C 194 -43.16 40.87 -15.31
N SER C 195 -43.75 41.62 -14.38
CA SER C 195 -45.11 42.12 -14.47
C SER C 195 -45.19 43.51 -15.08
N ASP C 196 -46.38 44.09 -15.08
CA ASP C 196 -46.50 45.41 -15.65
C ASP C 196 -45.75 46.42 -14.80
N HIS C 197 -45.68 46.17 -13.48
CA HIS C 197 -45.03 47.08 -12.53
C HIS C 197 -43.63 46.73 -11.96
N GLU C 198 -42.98 45.69 -12.46
CA GLU C 198 -41.64 45.34 -11.99
C GLU C 198 -40.86 44.43 -12.91
N ALA C 199 -39.57 44.43 -12.69
CA ALA C 199 -38.71 43.67 -13.53
C ALA C 199 -37.54 43.09 -12.78
N THR C 200 -36.67 42.50 -13.58
CA THR C 200 -35.47 41.91 -13.08
C THR C 200 -34.23 42.60 -13.62
N LEU C 201 -33.31 42.85 -12.70
CA LEU C 201 -32.04 43.45 -13.06
C LEU C 201 -31.01 42.37 -12.70
N ARG C 202 -30.24 41.98 -13.71
CA ARG C 202 -29.22 40.98 -13.53
C ARG C 202 -27.83 41.60 -13.68
N CYS C 203 -27.04 41.57 -12.62
CA CYS C 203 -25.67 42.07 -12.69
C CYS C 203 -24.72 40.94 -13.19
N TRP C 204 -24.09 41.08 -14.35
CA TRP C 204 -23.20 40.09 -14.86
C TRP C 204 -21.70 40.27 -14.73
N ALA C 205 -20.96 39.23 -14.37
CA ALA C 205 -19.48 39.32 -14.38
C ALA C 205 -19.01 38.18 -15.28
N LEU C 206 -18.34 38.48 -16.38
CA LEU C 206 -17.86 37.47 -17.34
C LEU C 206 -16.35 37.46 -17.68
N GLY C 207 -15.75 36.30 -17.97
CA GLY C 207 -14.36 36.28 -18.33
C GLY C 207 -13.35 36.53 -17.21
N PHE C 208 -13.76 36.52 -15.93
CA PHE C 208 -12.75 36.76 -14.93
C PHE C 208 -11.91 35.54 -14.34
N TYR C 209 -10.76 35.88 -13.76
CA TYR C 209 -9.79 35.01 -13.14
C TYR C 209 -8.84 35.78 -12.15
N PRO C 210 -8.59 35.17 -10.96
CA PRO C 210 -9.13 33.89 -10.53
C PRO C 210 -10.65 33.94 -10.43
N ALA C 211 -11.21 32.98 -9.73
CA ALA C 211 -12.65 32.87 -9.55
C ALA C 211 -13.25 33.56 -8.33
N GLU C 212 -12.42 33.98 -7.42
CA GLU C 212 -12.98 34.66 -6.29
C GLU C 212 -13.55 35.99 -6.83
N ILE C 213 -14.81 36.25 -6.56
CA ILE C 213 -15.43 37.47 -7.00
C ILE C 213 -16.60 37.82 -6.15
N THR C 214 -16.91 39.10 -5.98
CA THR C 214 -18.08 39.43 -5.15
C THR C 214 -19.02 40.41 -5.85
N LEU C 215 -20.30 40.04 -5.97
CA LEU C 215 -21.33 40.86 -6.60
C LEU C 215 -22.35 41.25 -5.58
N THR C 216 -22.61 42.56 -5.44
CA THR C 216 -23.61 43.04 -4.47
C THR C 216 -24.54 44.02 -5.10
N TRP C 217 -25.82 43.82 -4.85
CA TRP C 217 -26.89 44.64 -5.35
C TRP C 217 -27.37 45.42 -4.17
N GLN C 218 -26.98 46.70 -4.10
CA GLN C 218 -27.49 47.50 -3.00
C GLN C 218 -28.33 48.64 -3.52
N GLN C 219 -29.33 49.01 -2.74
CA GLN C 219 -30.19 50.05 -3.20
C GLN C 219 -29.65 51.42 -2.84
N ASP C 220 -30.40 52.28 -2.20
CA ASP C 220 -29.80 53.61 -1.94
C ASP C 220 -28.59 53.43 -1.02
N GLY C 221 -27.53 52.86 -1.62
CA GLY C 221 -26.25 52.54 -0.99
C GLY C 221 -26.29 51.74 0.28
N GLU C 222 -27.25 50.83 0.44
CA GLU C 222 -27.32 50.15 1.70
C GLU C 222 -27.91 48.77 1.62
N GLY C 223 -28.00 48.19 2.85
CA GLY C 223 -28.52 46.85 3.20
C GLY C 223 -29.95 46.49 2.78
N HIS C 224 -29.96 46.35 1.45
CA HIS C 224 -30.99 46.13 0.32
C HIS C 224 -32.39 45.43 0.23
N THR C 225 -32.56 45.33 -1.12
CA THR C 225 -33.56 44.83 -2.04
C THR C 225 -34.50 43.59 -1.91
N GLN C 226 -34.68 43.02 -0.71
CA GLN C 226 -35.51 41.82 -0.60
C GLN C 226 -34.72 40.84 -1.46
N ASP C 227 -33.52 40.62 -0.97
CA ASP C 227 -32.48 39.86 -1.58
C ASP C 227 -32.55 39.35 -3.01
N THR C 228 -31.30 39.28 -3.39
CA THR C 228 -30.71 38.89 -4.63
C THR C 228 -30.97 37.39 -4.79
N GLU C 229 -30.38 36.86 -5.85
CA GLU C 229 -30.44 35.48 -6.27
C GLU C 229 -29.09 35.39 -6.96
N LEU C 230 -28.11 34.87 -6.19
CA LEU C 230 -26.70 34.65 -6.54
C LEU C 230 -26.43 33.24 -7.16
N VAL C 231 -26.22 33.13 -8.48
CA VAL C 231 -25.89 31.83 -9.12
C VAL C 231 -24.44 31.40 -8.72
N GLU C 232 -24.23 30.08 -8.47
CA GLU C 232 -22.91 29.58 -8.07
C GLU C 232 -21.93 29.96 -9.20
N THR C 233 -20.77 30.54 -8.83
CA THR C 233 -19.80 30.93 -9.86
C THR C 233 -19.64 29.82 -10.86
N ARG C 234 -19.21 30.04 -12.07
CA ARG C 234 -19.13 28.91 -12.97
C ARG C 234 -18.09 29.05 -14.05
N PRO C 235 -17.80 27.96 -14.77
CA PRO C 235 -16.78 28.14 -15.80
C PRO C 235 -17.18 28.34 -17.22
N ALA C 236 -16.49 29.29 -17.82
CA ALA C 236 -16.72 29.64 -19.20
C ALA C 236 -16.20 28.50 -20.05
N GLY C 237 -15.10 27.88 -19.58
CA GLY C 237 -14.54 26.77 -20.28
C GLY C 237 -13.32 27.25 -21.00
N ASP C 238 -12.85 28.45 -20.66
CA ASP C 238 -11.62 28.97 -21.36
C ASP C 238 -10.63 29.30 -20.28
N GLY C 239 -10.96 28.87 -19.08
CA GLY C 239 -10.05 29.18 -18.02
C GLY C 239 -10.57 30.30 -17.16
N THR C 240 -11.64 30.97 -17.55
CA THR C 240 -12.17 32.09 -16.76
C THR C 240 -13.53 31.73 -16.16
N PHE C 241 -14.10 32.63 -15.39
CA PHE C 241 -15.39 32.28 -14.82
C PHE C 241 -16.47 33.25 -15.17
N GLN C 242 -17.66 32.95 -14.69
CA GLN C 242 -18.83 33.78 -14.90
C GLN C 242 -19.62 33.81 -13.63
N LYS C 243 -20.43 34.83 -13.43
CA LYS C 243 -21.26 34.82 -12.25
C LYS C 243 -22.29 35.91 -12.48
N TRP C 244 -23.34 35.87 -11.69
CA TRP C 244 -24.32 36.88 -11.85
C TRP C 244 -25.20 37.02 -10.69
N ALA C 245 -25.68 38.24 -10.46
CA ALA C 245 -26.56 38.45 -9.34
C ALA C 245 -27.88 39.12 -9.81
N ALA C 246 -28.98 38.65 -9.30
CA ALA C 246 -30.17 39.24 -9.82
C ALA C 246 -31.00 39.77 -8.70
N VAL C 247 -31.75 40.84 -8.98
CA VAL C 247 -32.66 41.40 -7.99
C VAL C 247 -33.92 41.96 -8.67
N VAL C 248 -35.03 41.94 -7.92
CA VAL C 248 -36.31 42.45 -8.47
C VAL C 248 -36.74 43.76 -7.87
N VAL C 249 -36.96 44.62 -8.85
CA VAL C 249 -37.24 46.03 -8.75
C VAL C 249 -38.56 46.41 -9.45
N PRO C 250 -39.25 47.48 -8.96
CA PRO C 250 -40.51 48.08 -9.41
C PRO C 250 -40.11 48.97 -10.54
N SER C 251 -40.62 48.77 -11.76
CA SER C 251 -40.22 49.64 -12.87
C SER C 251 -40.19 51.07 -12.39
N GLY C 252 -39.41 51.91 -13.06
CA GLY C 252 -39.28 53.27 -12.61
C GLY C 252 -38.08 53.34 -11.66
N GLU C 253 -38.02 52.46 -10.63
CA GLU C 253 -36.91 52.42 -9.63
C GLU C 253 -35.50 51.82 -9.96
N GLU C 254 -35.34 51.36 -11.19
CA GLU C 254 -34.08 50.79 -11.60
C GLU C 254 -32.84 51.62 -11.16
N GLN C 255 -33.02 52.89 -10.80
CA GLN C 255 -31.86 53.71 -10.43
C GLN C 255 -31.58 53.74 -8.97
N ALA C 256 -32.58 53.40 -8.17
CA ALA C 256 -32.36 53.35 -6.73
C ALA C 256 -31.36 52.15 -6.51
N TYR C 257 -31.14 51.31 -7.56
CA TYR C 257 -30.22 50.16 -7.48
C TYR C 257 -28.88 50.13 -8.17
N THR C 258 -27.90 49.77 -7.37
CA THR C 258 -26.49 49.70 -7.83
C THR C 258 -25.84 48.38 -7.49
N CYS C 259 -25.07 47.89 -8.44
CA CYS C 259 -24.35 46.63 -8.30
C CYS C 259 -22.84 46.84 -8.12
N HIS C 260 -22.30 46.32 -7.01
CA HIS C 260 -20.88 46.45 -6.73
C HIS C 260 -20.17 45.18 -7.05
N VAL C 261 -19.07 45.31 -7.75
CA VAL C 261 -18.34 44.15 -8.13
C VAL C 261 -16.88 44.23 -7.67
N GLN C 262 -16.46 43.26 -6.82
CA GLN C 262 -15.09 43.17 -6.34
C GLN C 262 -14.25 42.07 -6.94
N HIS C 263 -13.07 42.41 -7.37
CA HIS C 263 -12.21 41.40 -7.91
C HIS C 263 -10.70 41.80 -8.03
N GLU C 264 -9.81 40.95 -7.55
CA GLU C 264 -8.42 41.20 -7.60
C GLU C 264 -7.89 41.80 -8.90
N GLY C 265 -8.51 41.55 -10.04
CA GLY C 265 -8.01 42.11 -11.28
C GLY C 265 -8.49 43.55 -11.49
N LEU C 266 -9.25 44.08 -10.56
CA LEU C 266 -9.74 45.44 -10.64
C LEU C 266 -8.94 46.37 -9.73
N PRO C 267 -8.47 47.52 -10.25
CA PRO C 267 -7.71 48.46 -9.41
C PRO C 267 -8.69 48.86 -8.36
N GLU C 268 -9.97 49.02 -8.65
CA GLU C 268 -10.88 49.21 -7.52
C GLU C 268 -12.19 48.63 -7.86
N PRO C 269 -13.09 48.64 -6.88
CA PRO C 269 -14.46 48.10 -7.04
C PRO C 269 -15.12 48.91 -8.11
N VAL C 270 -15.92 48.28 -8.92
CA VAL C 270 -16.64 48.86 -10.00
C VAL C 270 -18.14 48.96 -9.68
N THR C 271 -18.81 50.11 -9.95
CA THR C 271 -20.25 50.25 -9.63
C THR C 271 -21.10 50.31 -10.87
N LEU C 272 -22.15 49.49 -10.93
CA LEU C 272 -22.98 49.43 -12.13
C LEU C 272 -24.36 49.86 -11.84
N ARG C 273 -24.96 50.44 -12.85
CA ARG C 273 -26.32 50.91 -12.72
C ARG C 273 -27.04 50.53 -13.99
N TRP C 274 -28.35 50.35 -13.94
CA TRP C 274 -28.99 50.04 -15.20
C TRP C 274 -29.14 51.27 -16.16
N MET D 1 -24.42 5.97 3.43
CA MET D 1 -24.91 6.55 2.15
C MET D 1 -25.63 7.92 2.22
N ILE D 2 -25.06 8.90 1.51
CA ILE D 2 -25.56 10.27 1.42
C ILE D 2 -25.80 10.61 -0.05
N GLN D 3 -26.93 11.22 -0.38
CA GLN D 3 -27.21 11.66 -1.80
C GLN D 3 -27.60 13.16 -2.02
N ARG D 4 -26.92 13.81 -2.96
CA ARG D 4 -27.12 15.22 -3.23
C ARG D 4 -27.48 15.37 -4.71
N THR D 5 -28.60 16.02 -5.00
CA THR D 5 -29.03 16.21 -6.37
C THR D 5 -28.27 17.26 -7.10
N PRO D 6 -28.02 17.01 -8.37
CA PRO D 6 -27.29 17.91 -9.24
C PRO D 6 -28.01 19.19 -9.53
N LYS D 7 -27.20 20.24 -9.55
CA LYS D 7 -27.61 21.57 -9.84
C LYS D 7 -27.14 21.71 -11.24
N ILE D 8 -28.03 22.17 -12.07
CA ILE D 8 -27.78 22.34 -13.46
C ILE D 8 -27.78 23.81 -13.84
N GLN D 9 -26.99 24.21 -14.84
CA GLN D 9 -26.93 25.57 -15.36
C GLN D 9 -26.61 25.37 -16.80
N VAL D 10 -27.46 25.82 -17.71
CA VAL D 10 -27.15 25.72 -19.16
C VAL D 10 -26.83 27.15 -19.50
N TYR D 11 -25.74 27.41 -20.22
CA TYR D 11 -25.35 28.78 -20.51
C TYR D 11 -24.27 28.79 -21.52
N SER D 12 -24.06 29.91 -22.18
CA SER D 12 -23.03 29.98 -23.23
C SER D 12 -21.70 30.54 -22.71
N ARG D 13 -20.62 30.30 -23.47
CA ARG D 13 -19.28 30.81 -23.10
C ARG D 13 -19.28 32.31 -23.17
N HIS D 14 -19.84 32.79 -24.29
CA HIS D 14 -19.95 34.18 -24.65
C HIS D 14 -21.40 34.60 -24.76
N PRO D 15 -21.70 35.91 -24.60
CA PRO D 15 -23.10 36.20 -24.75
C PRO D 15 -23.57 35.80 -26.16
N ALA D 16 -24.73 35.15 -26.12
CA ALA D 16 -25.41 34.63 -27.29
C ALA D 16 -25.49 35.67 -28.37
N GLU D 17 -24.93 35.32 -29.53
CA GLU D 17 -24.99 36.24 -30.66
C GLU D 17 -25.49 35.52 -31.91
N ASN D 18 -26.82 35.43 -32.08
CA ASN D 18 -27.38 34.77 -33.28
C ASN D 18 -26.35 34.87 -34.42
N GLY D 19 -26.08 33.76 -35.08
CA GLY D 19 -25.12 33.79 -36.14
C GLY D 19 -23.69 33.83 -35.67
N LYS D 20 -23.46 34.30 -34.47
CA LYS D 20 -22.09 34.33 -34.01
C LYS D 20 -21.65 33.01 -33.30
N SER D 21 -20.58 32.38 -33.80
CA SER D 21 -20.12 31.18 -33.13
C SER D 21 -19.97 31.34 -31.57
N ASN D 22 -20.01 30.20 -30.87
CA ASN D 22 -19.90 30.18 -29.43
C ASN D 22 -19.60 28.79 -28.85
N PHE D 23 -20.00 28.62 -27.59
CA PHE D 23 -19.80 27.40 -26.85
C PHE D 23 -20.94 27.23 -25.86
N LEU D 24 -21.59 26.07 -25.98
CA LEU D 24 -22.71 25.77 -25.10
C LEU D 24 -22.21 25.02 -23.87
N ASN D 25 -22.82 25.30 -22.73
CA ASN D 25 -22.42 24.71 -21.48
C ASN D 25 -23.54 24.20 -20.59
N CYS D 26 -23.29 23.00 -20.07
CA CYS D 26 -24.15 22.43 -19.09
C CYS D 26 -23.18 22.26 -17.94
N TYR D 27 -23.54 22.83 -16.81
CA TYR D 27 -22.65 22.71 -15.72
C TYR D 27 -23.40 22.09 -14.57
N VAL D 28 -22.97 20.86 -14.22
CA VAL D 28 -23.63 20.12 -13.13
C VAL D 28 -22.77 20.08 -11.88
N SER D 29 -23.40 20.28 -10.75
CA SER D 29 -22.61 20.41 -9.52
C SER D 29 -23.36 20.02 -8.33
N GLY D 30 -22.60 19.88 -7.24
CA GLY D 30 -23.17 19.53 -5.95
C GLY D 30 -23.89 18.21 -5.86
N PHE D 31 -23.52 17.29 -6.73
CA PHE D 31 -24.12 15.98 -6.70
C PHE D 31 -23.20 14.87 -6.17
N HIS D 32 -23.92 13.91 -5.65
CA HIS D 32 -23.41 12.71 -5.07
C HIS D 32 -24.49 11.66 -5.19
N PRO D 33 -24.14 10.49 -5.74
CA PRO D 33 -22.81 10.11 -6.23
C PRO D 33 -22.52 10.54 -7.66
N SER D 34 -21.26 10.46 -8.02
CA SER D 34 -20.67 10.84 -9.24
C SER D 34 -21.17 10.22 -10.46
N ASP D 35 -22.13 9.34 -10.40
CA ASP D 35 -22.54 8.75 -11.68
C ASP D 35 -23.48 9.73 -12.31
N ILE D 36 -23.25 10.12 -13.53
CA ILE D 36 -24.26 11.08 -13.95
C ILE D 36 -24.46 11.07 -15.45
N GLU D 37 -25.68 11.23 -15.93
CA GLU D 37 -25.82 11.27 -17.34
C GLU D 37 -26.18 12.67 -17.76
N VAL D 38 -25.37 13.23 -18.69
CA VAL D 38 -25.60 14.61 -19.12
C VAL D 38 -25.54 14.79 -20.62
N ASP D 39 -26.71 15.22 -21.15
CA ASP D 39 -26.86 15.48 -22.58
C ASP D 39 -27.23 16.91 -23.02
N LEU D 40 -26.54 17.34 -24.07
CA LEU D 40 -26.79 18.65 -24.60
C LEU D 40 -27.81 18.37 -25.65
N LEU D 41 -28.90 19.08 -25.58
CA LEU D 41 -29.96 18.87 -26.53
C LEU D 41 -30.08 20.04 -27.54
N LYS D 42 -30.37 19.68 -28.81
CA LYS D 42 -30.63 20.64 -29.90
C LYS D 42 -31.99 20.30 -30.56
N ASN D 43 -33.00 21.00 -30.05
CA ASN D 43 -34.38 20.84 -30.48
C ASN D 43 -34.78 19.44 -30.11
N GLY D 44 -34.54 19.07 -28.86
CA GLY D 44 -34.85 17.73 -28.45
C GLY D 44 -33.85 16.65 -28.92
N GLU D 45 -33.07 16.86 -29.99
CA GLU D 45 -32.11 15.82 -30.41
C GLU D 45 -30.82 15.85 -29.56
N ARG D 46 -30.15 14.70 -29.35
CA ARG D 46 -28.93 14.72 -28.54
C ARG D 46 -27.68 15.01 -29.38
N ILE D 47 -27.04 16.10 -29.01
CA ILE D 47 -25.85 16.56 -29.70
C ILE D 47 -24.73 15.55 -29.56
N GLU D 48 -24.17 15.09 -30.66
CA GLU D 48 -23.09 14.17 -30.48
C GLU D 48 -21.77 14.93 -30.29
N LYS D 49 -20.69 14.19 -30.06
CA LYS D 49 -19.36 14.78 -29.88
C LYS D 49 -19.22 15.88 -28.78
N VAL D 50 -19.92 15.75 -27.66
CA VAL D 50 -19.84 16.69 -26.56
C VAL D 50 -18.58 16.38 -25.78
N GLU D 51 -18.18 17.26 -24.87
CA GLU D 51 -17.00 17.03 -24.06
C GLU D 51 -17.31 17.42 -22.63
N HIS D 52 -16.46 17.00 -21.71
CA HIS D 52 -16.65 17.37 -20.33
C HIS D 52 -15.28 17.49 -19.68
N SER D 53 -15.27 17.91 -18.46
CA SER D 53 -14.03 18.06 -17.69
C SER D 53 -13.72 16.78 -16.88
N ASP D 54 -12.57 16.81 -16.21
CA ASP D 54 -12.08 15.74 -15.37
C ASP D 54 -12.80 15.83 -14.09
N LEU D 55 -13.47 14.75 -13.69
CA LEU D 55 -14.20 14.72 -12.47
C LEU D 55 -13.49 15.35 -11.29
N SER D 56 -14.22 16.27 -10.69
CA SER D 56 -13.74 16.96 -9.53
C SER D 56 -14.83 17.28 -8.52
N PHE D 57 -14.44 17.39 -7.28
CA PHE D 57 -15.44 17.67 -6.30
C PHE D 57 -15.03 18.91 -5.62
N SER D 58 -15.90 19.34 -4.72
CA SER D 58 -15.64 20.56 -3.95
C SER D 58 -15.48 20.38 -2.42
N LYS D 59 -15.55 21.40 -1.62
CA LYS D 59 -15.23 21.24 -0.20
C LYS D 59 -16.15 20.37 0.63
N ASP D 60 -17.41 20.29 0.21
CA ASP D 60 -18.44 19.51 0.84
C ASP D 60 -18.56 18.11 0.11
N TRP D 61 -17.47 17.79 -0.57
CA TRP D 61 -17.26 16.58 -1.33
C TRP D 61 -18.22 16.37 -2.47
N SER D 62 -18.99 17.39 -2.78
CA SER D 62 -19.94 17.20 -3.89
C SER D 62 -19.15 17.33 -5.18
N PHE D 63 -19.64 16.68 -6.23
CA PHE D 63 -18.92 16.67 -7.51
C PHE D 63 -19.41 17.74 -8.47
N TYR D 64 -18.55 18.07 -9.41
CA TYR D 64 -18.98 18.96 -10.45
C TYR D 64 -18.32 18.60 -11.72
N LEU D 65 -19.03 18.84 -12.81
CA LEU D 65 -18.51 18.58 -14.15
C LEU D 65 -19.07 19.59 -15.12
N LEU D 66 -18.27 19.86 -16.16
CA LEU D 66 -18.76 20.76 -17.17
C LEU D 66 -18.84 20.06 -18.50
N TYR D 67 -20.06 20.05 -19.04
CA TYR D 67 -20.26 19.44 -20.35
C TYR D 67 -20.44 20.57 -21.36
N TYR D 68 -19.83 20.38 -22.52
CA TYR D 68 -19.91 21.44 -23.47
C TYR D 68 -19.66 21.13 -24.92
N THR D 69 -20.08 22.03 -25.78
CA THR D 69 -19.87 21.80 -27.19
C THR D 69 -19.95 23.14 -27.91
N GLU D 70 -19.32 23.19 -29.09
CA GLU D 70 -19.32 24.41 -29.88
C GLU D 70 -20.62 24.64 -30.60
N PHE D 71 -21.20 25.82 -30.51
CA PHE D 71 -22.42 25.96 -31.22
C PHE D 71 -22.69 27.36 -31.62
N THR D 72 -23.73 27.51 -32.45
CA THR D 72 -24.13 28.81 -32.95
C THR D 72 -25.57 29.12 -32.76
N PRO D 73 -25.86 29.82 -31.70
CA PRO D 73 -27.22 30.22 -31.36
C PRO D 73 -28.03 30.75 -32.57
N THR D 74 -29.34 30.65 -32.49
CA THR D 74 -30.20 31.08 -33.58
C THR D 74 -31.46 31.51 -32.91
N GLU D 75 -32.27 32.33 -33.56
CA GLU D 75 -33.46 32.71 -32.83
C GLU D 75 -34.40 31.51 -32.81
N LYS D 76 -34.31 30.67 -33.83
CA LYS D 76 -35.21 29.53 -33.93
C LYS D 76 -34.87 28.32 -33.09
N ASP D 77 -33.63 27.85 -33.26
CA ASP D 77 -33.12 26.69 -32.56
C ASP D 77 -33.32 26.67 -31.06
N GLU D 78 -33.84 25.56 -30.57
CA GLU D 78 -34.10 25.38 -29.14
C GLU D 78 -32.95 24.57 -28.46
N TYR D 79 -32.25 25.10 -27.45
CA TYR D 79 -31.17 24.29 -26.80
C TYR D 79 -31.41 24.00 -25.33
N ALA D 80 -30.95 22.80 -24.92
CA ALA D 80 -31.08 22.33 -23.53
C ALA D 80 -30.10 21.29 -23.12
N CYS D 81 -30.23 20.96 -21.85
CA CYS D 81 -29.37 19.99 -21.25
C CYS D 81 -30.28 18.99 -20.63
N ARG D 82 -29.96 17.71 -20.72
CA ARG D 82 -30.82 16.73 -20.09
C ARG D 82 -29.87 15.99 -19.17
N VAL D 83 -30.28 15.85 -17.92
CA VAL D 83 -29.40 15.26 -16.91
C VAL D 83 -30.02 14.09 -16.15
N ASN D 84 -29.23 13.02 -15.87
CA ASN D 84 -29.78 11.92 -15.09
C ASN D 84 -29.06 11.48 -13.81
N HIS D 85 -29.79 11.04 -12.81
CA HIS D 85 -29.03 10.74 -11.63
C HIS D 85 -29.90 10.07 -10.65
N VAL D 86 -29.34 9.17 -9.85
CA VAL D 86 -30.15 8.45 -8.86
C VAL D 86 -31.17 9.35 -8.16
N THR D 87 -30.73 10.50 -7.71
CA THR D 87 -31.61 11.40 -7.02
C THR D 87 -32.79 11.88 -7.92
N LEU D 88 -32.73 11.60 -9.23
CA LEU D 88 -33.80 12.08 -10.12
C LEU D 88 -34.86 11.12 -10.66
N SER D 89 -36.11 11.32 -10.20
CA SER D 89 -37.27 10.53 -10.66
C SER D 89 -37.12 10.30 -12.18
N GLN D 90 -36.94 11.35 -12.95
CA GLN D 90 -36.76 11.20 -14.38
C GLN D 90 -35.73 12.21 -14.83
N PRO D 91 -35.19 12.04 -16.04
CA PRO D 91 -34.22 13.06 -16.40
C PRO D 91 -34.85 14.44 -16.27
N LYS D 92 -34.01 15.40 -15.92
CA LYS D 92 -34.38 16.79 -15.78
C LYS D 92 -33.85 17.52 -17.02
N ILE D 93 -34.68 18.38 -17.59
CA ILE D 93 -34.24 19.13 -18.77
C ILE D 93 -34.37 20.61 -18.60
N VAL D 94 -33.25 21.29 -18.70
CA VAL D 94 -33.27 22.73 -18.58
C VAL D 94 -32.67 23.29 -19.89
N LYS D 95 -33.56 24.13 -20.45
CA LYS D 95 -33.43 24.81 -21.72
C LYS D 95 -32.47 25.90 -21.57
N TRP D 96 -31.72 26.11 -22.62
CA TRP D 96 -30.82 27.24 -22.60
C TRP D 96 -31.73 28.49 -22.82
N ASP D 97 -31.40 29.54 -22.11
CA ASP D 97 -32.11 30.81 -22.18
C ASP D 97 -30.98 31.86 -22.26
N ARG D 98 -30.60 32.28 -23.48
CA ARG D 98 -29.47 33.26 -23.64
C ARG D 98 -29.34 34.37 -22.54
N ASP D 99 -30.43 34.60 -21.80
CA ASP D 99 -30.46 35.59 -20.73
C ASP D 99 -29.96 35.00 -19.43
N MET D 100 -29.29 33.88 -19.48
CA MET D 100 -28.79 33.35 -18.23
C MET D 100 -27.59 32.46 -18.38
N VAL E 1 7.35 -6.78 18.03
CA VAL E 1 6.19 -6.59 17.14
C VAL E 1 6.70 -6.48 15.74
N MET E 2 5.88 -6.77 14.75
CA MET E 2 6.37 -6.64 13.41
C MET E 2 6.32 -5.14 13.15
N ALA E 3 7.04 -4.68 12.14
CA ALA E 3 7.13 -3.27 11.80
C ALA E 3 5.74 -2.72 11.53
N PRO E 4 5.48 -1.46 11.90
CA PRO E 4 4.18 -0.83 11.68
C PRO E 4 3.77 -0.60 10.26
N ARG E 5 4.71 -0.54 9.33
CA ARG E 5 4.32 -0.31 7.94
C ARG E 5 5.41 -0.90 7.04
N THR E 6 5.08 -1.30 5.83
CA THR E 6 5.98 -2.01 4.99
C THR E 6 6.29 -1.13 3.77
N VAL E 7 7.27 -1.47 2.96
CA VAL E 7 7.54 -0.62 1.83
C VAL E 7 6.59 -0.85 0.72
N LEU E 8 6.19 0.20 -0.01
CA LEU E 8 5.36 0.04 -1.18
C LEU E 8 6.36 0.08 -2.29
N LEU E 9 6.50 -1.00 -3.03
CA LEU E 9 7.44 -1.14 -4.13
C LEU E 9 7.01 -0.54 -5.53
N VAL F 1 3.61 17.87 -7.47
CA VAL F 1 3.52 16.38 -7.61
C VAL F 1 2.55 15.99 -6.58
N MET F 2 1.83 14.91 -6.77
CA MET F 2 0.87 14.46 -5.76
C MET F 2 1.67 13.79 -4.65
N ALA F 3 1.05 13.60 -3.49
CA ALA F 3 1.79 13.00 -2.39
C ALA F 3 2.27 11.60 -2.81
N PRO F 4 3.57 11.28 -2.46
CA PRO F 4 4.23 10.00 -2.80
C PRO F 4 3.38 8.79 -2.45
N ARG F 5 2.91 8.73 -1.19
CA ARG F 5 2.14 7.59 -0.76
C ARG F 5 0.99 8.02 0.03
N THR F 6 -0.07 7.26 -0.06
CA THR F 6 -1.34 7.59 0.57
C THR F 6 -1.64 6.73 1.84
N VAL F 7 -2.65 7.10 2.63
CA VAL F 7 -2.95 6.37 3.88
C VAL F 7 -3.62 5.01 3.66
N LEU F 8 -3.21 4.00 4.43
CA LEU F 8 -3.89 2.73 4.32
C LEU F 8 -4.95 2.90 5.40
N LEU F 9 -6.20 2.80 5.03
CA LEU F 9 -7.24 3.01 6.01
C LEU F 9 -7.69 1.75 6.75
S SO4 G . -5.03 -8.85 -8.38
O1 SO4 G . -5.05 -10.30 -8.73
O2 SO4 G . -4.42 -8.68 -7.06
O3 SO4 G . -4.20 -8.21 -9.40
O4 SO4 G . -6.40 -8.28 -8.36
#